data_5ZI0
#
_entry.id   5ZI0
#
_cell.length_a   71.929
_cell.length_b   118.194
_cell.length_c   248.051
_cell.angle_alpha   90.00
_cell.angle_beta   90.00
_cell.angle_gamma   90.00
#
_symmetry.space_group_name_H-M   'C 2 2 21'
#
loop_
_entity.id
_entity.type
_entity.pdbx_description
1 polymer '3-oxoacyl-acyl carrier protein reductase'
2 water water
#
_entity_poly.entity_id   1
_entity_poly.type   'polypeptide(L)'
_entity_poly.pdbx_seq_one_letter_code
;MGSSHHHHHHSSGLVPRGSHMASMTGGQQMGRMTDRLKDKVAIITGGVAGIGLGIAECYVREGAKVVVTANHNVDGGRAA
VAKFGDDVSLFVQQDVSKEADWQKVIDATIAKFGRVDILVNNAGIGGVNTAIEDLDLADWQKVIDVNLTANFLGEKAAIK
AMKQTADAKGSIINVSSVAGLVGLPIDPAYSASKGGSRLLTHATALNLAQRGIDIRVNSVHPGWIDTSIIPEDLRKQIIA
TIPVGHMGQPQDIGEVCVYLGSDESRFANGAEFTVDGGQRA
;
_entity_poly.pdbx_strand_id   A,B,C,D
#
# COMPACT_ATOMS: atom_id res chain seq x y z
N THR A 34 -30.64 -17.38 11.69
CA THR A 34 -29.99 -17.61 10.42
C THR A 34 -28.55 -18.14 10.56
N ASP A 35 -28.24 -19.20 9.83
CA ASP A 35 -26.89 -19.76 9.85
C ASP A 35 -26.13 -19.36 8.61
N ARG A 36 -25.09 -18.56 8.82
CA ARG A 36 -24.48 -17.78 7.75
C ARG A 36 -23.76 -18.62 6.69
N LEU A 37 -23.52 -19.90 6.99
CA LEU A 37 -22.84 -20.79 6.05
C LEU A 37 -23.62 -22.07 5.77
N LYS A 38 -24.93 -22.02 6.01
CA LYS A 38 -25.86 -23.12 5.72
C LYS A 38 -25.51 -23.91 4.44
N ASP A 39 -25.21 -25.20 4.61
CA ASP A 39 -24.95 -26.11 3.48
C ASP A 39 -23.69 -25.80 2.67
N LYS A 40 -22.91 -24.81 3.09
CA LYS A 40 -21.64 -24.58 2.44
C LYS A 40 -20.69 -25.72 2.82
N VAL A 41 -19.90 -26.16 1.85
CA VAL A 41 -18.85 -27.13 2.10
C VAL A 41 -17.48 -26.47 2.01
N ALA A 42 -16.74 -26.53 3.10
CA ALA A 42 -15.46 -25.81 3.15
C ALA A 42 -14.27 -26.74 3.37
N ILE A 43 -13.21 -26.53 2.59
CA ILE A 43 -11.93 -27.15 2.90
C ILE A 43 -11.01 -26.20 3.70
N ILE A 44 -10.57 -26.62 4.88
CA ILE A 44 -9.67 -25.81 5.71
C ILE A 44 -8.34 -26.50 5.97
N THR A 45 -7.28 -26.02 5.31
CA THR A 45 -5.95 -26.60 5.48
C THR A 45 -5.31 -26.11 6.77
N GLY A 46 -4.50 -26.96 7.40
CA GLY A 46 -3.98 -26.67 8.72
C GLY A 46 -5.12 -26.48 9.69
N GLY A 47 -6.15 -27.29 9.55
CA GLY A 47 -7.43 -27.00 10.17
C GLY A 47 -7.74 -27.57 11.55
N VAL A 48 -6.79 -28.23 12.17
CA VAL A 48 -7.06 -29.00 13.39
C VAL A 48 -6.30 -28.43 14.58
N ALA A 49 -5.57 -27.35 14.35
CA ALA A 49 -4.85 -26.68 15.42
C ALA A 49 -4.87 -25.17 15.25
N GLY A 50 -4.79 -24.45 16.37
CA GLY A 50 -4.54 -23.02 16.35
C GLY A 50 -5.52 -22.22 15.53
N ILE A 51 -5.02 -21.45 14.57
CA ILE A 51 -5.89 -20.58 13.80
C ILE A 51 -6.87 -21.36 12.93
N GLY A 52 -6.37 -22.35 12.20
CA GLY A 52 -7.22 -23.17 11.35
C GLY A 52 -8.38 -23.80 12.12
N LEU A 53 -8.13 -24.16 13.37
CA LEU A 53 -9.15 -24.77 14.19
C LEU A 53 -10.23 -23.76 14.56
N GLY A 54 -9.82 -22.54 14.90
CA GLY A 54 -10.77 -21.48 15.16
C GLY A 54 -11.66 -21.17 13.95
N ILE A 55 -11.07 -21.18 12.77
CA ILE A 55 -11.83 -21.06 11.55
C ILE A 55 -12.83 -22.22 11.41
N ALA A 56 -12.37 -23.44 11.65
CA ALA A 56 -13.27 -24.59 11.59
C ALA A 56 -14.43 -24.48 12.59
N GLU A 57 -14.13 -24.04 13.80
CA GLU A 57 -15.16 -23.88 14.82
C GLU A 57 -16.23 -22.88 14.41
N CYS A 58 -15.81 -21.73 13.89
CA CYS A 58 -16.75 -20.72 13.43
C CYS A 58 -17.56 -21.27 12.28
N TYR A 59 -16.90 -21.93 11.34
CA TYR A 59 -17.59 -22.53 10.22
C TYR A 59 -18.67 -23.53 10.66
N VAL A 60 -18.32 -24.46 11.55
CA VAL A 60 -19.29 -25.48 11.96
C VAL A 60 -20.46 -24.82 12.68
N ARG A 61 -20.16 -23.85 13.52
CA ARG A 61 -21.18 -23.05 14.21
C ARG A 61 -22.21 -22.41 13.25
N GLU A 62 -21.76 -22.03 12.06
CA GLU A 62 -22.62 -21.34 11.11
C GLU A 62 -23.22 -22.30 10.08
N GLY A 63 -23.21 -23.58 10.41
CA GLY A 63 -23.91 -24.58 9.61
C GLY A 63 -23.15 -25.16 8.45
N ALA A 64 -21.87 -24.82 8.34
CA ALA A 64 -21.04 -25.34 7.25
C ALA A 64 -20.59 -26.80 7.48
N LYS A 65 -20.28 -27.52 6.40
CA LYS A 65 -19.58 -28.80 6.54
C LYS A 65 -18.11 -28.53 6.32
N VAL A 66 -17.25 -29.06 7.18
CA VAL A 66 -15.83 -28.80 7.06
C VAL A 66 -14.99 -30.05 6.80
N VAL A 67 -14.05 -29.91 5.86
CA VAL A 67 -12.97 -30.84 5.70
C VAL A 67 -11.72 -30.14 6.25
N VAL A 68 -11.25 -30.60 7.40
CA VAL A 68 -10.04 -30.07 8.00
C VAL A 68 -8.88 -30.99 7.69
N THR A 69 -7.73 -30.42 7.34
CA THR A 69 -6.57 -31.21 6.97
C THR A 69 -5.33 -30.82 7.73
N ALA A 70 -4.36 -31.74 7.72
CA ALA A 70 -3.09 -31.52 8.38
C ALA A 70 -2.06 -32.47 7.81
N ASN A 71 -0.80 -32.06 7.80
CA ASN A 71 0.27 -32.91 7.32
C ASN A 71 0.58 -34.05 8.29
N HIS A 72 0.82 -33.71 9.56
CA HIS A 72 1.25 -34.71 10.54
C HIS A 72 0.29 -34.96 11.70
N ASN A 73 -0.57 -33.99 11.99
CA ASN A 73 -1.41 -34.03 13.18
C ASN A 73 -2.71 -34.81 12.96
N VAL A 74 -2.59 -36.12 12.72
CA VAL A 74 -3.79 -36.92 12.47
C VAL A 74 -4.66 -37.08 13.73
N ASP A 75 -4.03 -37.07 14.91
CA ASP A 75 -4.83 -37.12 16.13
C ASP A 75 -5.58 -35.81 16.37
N GLY A 76 -5.04 -34.70 15.87
CA GLY A 76 -5.76 -33.44 15.89
C GLY A 76 -7.04 -33.57 15.09
N GLY A 77 -6.94 -34.25 13.95
CA GLY A 77 -8.08 -34.56 13.11
C GLY A 77 -9.12 -35.40 13.82
N ARG A 78 -8.69 -36.40 14.59
CA ARG A 78 -9.61 -37.24 15.34
C ARG A 78 -10.39 -36.41 16.34
N ALA A 79 -9.68 -35.58 17.08
CA ALA A 79 -10.28 -34.70 18.06
C ALA A 79 -11.28 -33.68 17.48
N ALA A 80 -10.97 -33.10 16.33
CA ALA A 80 -11.88 -32.12 15.72
C ALA A 80 -13.17 -32.80 15.28
N VAL A 81 -13.03 -33.90 14.54
CA VAL A 81 -14.19 -34.65 14.10
C VAL A 81 -15.07 -35.09 15.27
N ALA A 82 -14.46 -35.47 16.39
CA ALA A 82 -15.25 -35.89 17.55
C ALA A 82 -15.95 -34.69 18.16
N LYS A 83 -15.32 -33.53 18.06
CA LYS A 83 -15.91 -32.31 18.60
C LYS A 83 -17.08 -31.88 17.72
N PHE A 84 -16.85 -31.81 16.42
CA PHE A 84 -17.87 -31.33 15.49
C PHE A 84 -18.97 -32.36 15.16
N GLY A 85 -18.61 -33.64 15.13
CA GLY A 85 -19.50 -34.69 14.67
C GLY A 85 -19.14 -35.10 13.26
N ASP A 86 -19.16 -36.40 12.98
CA ASP A 86 -18.66 -36.91 11.70
C ASP A 86 -19.68 -36.78 10.58
N ASP A 87 -20.83 -36.19 10.89
CA ASP A 87 -21.82 -35.85 9.88
C ASP A 87 -21.52 -34.48 9.27
N VAL A 88 -20.85 -33.60 10.01
CA VAL A 88 -20.56 -32.25 9.54
C VAL A 88 -19.08 -31.97 9.33
N SER A 89 -18.22 -32.94 9.68
CA SER A 89 -16.78 -32.72 9.60
C SER A 89 -16.06 -33.98 9.13
N LEU A 90 -14.87 -33.80 8.58
CA LEU A 90 -14.07 -34.91 8.07
C LEU A 90 -12.60 -34.53 8.12
N PHE A 91 -11.74 -35.43 8.60
CA PHE A 91 -10.30 -35.18 8.52
C PHE A 91 -9.68 -35.91 7.33
N VAL A 92 -8.75 -35.23 6.66
CA VAL A 92 -7.95 -35.84 5.61
C VAL A 92 -6.50 -35.44 5.84
N GLN A 93 -5.57 -36.39 5.77
CA GLN A 93 -4.16 -36.07 5.87
C GLN A 93 -3.74 -35.40 4.57
N GLN A 94 -2.94 -34.34 4.67
CA GLN A 94 -2.54 -33.60 3.49
C GLN A 94 -1.26 -32.79 3.68
N ASP A 95 -0.33 -32.96 2.74
CA ASP A 95 0.85 -32.11 2.61
C ASP A 95 0.52 -31.10 1.52
N VAL A 96 0.30 -29.84 1.90
CA VAL A 96 -0.20 -28.83 0.96
C VAL A 96 0.79 -28.52 -0.17
N SER A 97 2.06 -28.88 0.02
CA SER A 97 3.06 -28.66 -1.01
C SER A 97 3.01 -29.70 -2.13
N LYS A 98 2.24 -30.76 -1.92
CA LYS A 98 2.16 -31.82 -2.92
C LYS A 98 0.92 -31.69 -3.78
N GLU A 99 1.13 -31.48 -5.08
CA GLU A 99 0.04 -31.45 -6.05
C GLU A 99 -0.92 -32.64 -5.88
N ALA A 100 -0.37 -33.82 -5.63
CA ALA A 100 -1.17 -35.03 -5.48
C ALA A 100 -2.13 -35.03 -4.29
N ASP A 101 -1.70 -34.53 -3.14
CA ASP A 101 -2.58 -34.49 -1.96
C ASP A 101 -3.79 -33.57 -2.17
N TRP A 102 -3.63 -32.53 -2.99
CA TRP A 102 -4.79 -31.67 -3.32
C TRP A 102 -5.94 -32.42 -4.00
N GLN A 103 -5.61 -33.20 -5.02
CA GLN A 103 -6.58 -34.04 -5.70
C GLN A 103 -7.17 -35.04 -4.70
N LYS A 104 -6.31 -35.59 -3.85
CA LYS A 104 -6.76 -36.49 -2.80
C LYS A 104 -7.78 -35.86 -1.85
N VAL A 105 -7.53 -34.63 -1.41
CA VAL A 105 -8.48 -33.92 -0.55
C VAL A 105 -9.78 -33.57 -1.28
N ILE A 106 -9.65 -33.07 -2.51
CA ILE A 106 -10.83 -32.75 -3.31
C ILE A 106 -11.74 -33.96 -3.46
N ASP A 107 -11.16 -35.09 -3.87
CA ASP A 107 -11.92 -36.33 -4.07
C ASP A 107 -12.59 -36.78 -2.78
N ALA A 108 -11.83 -36.76 -1.68
CA ALA A 108 -12.38 -37.10 -0.39
C ALA A 108 -13.51 -36.16 0.06
N THR A 109 -13.42 -34.89 -0.31
CA THR A 109 -14.42 -33.89 0.07
C THR A 109 -15.72 -34.12 -0.70
N ILE A 110 -15.58 -34.27 -2.01
CA ILE A 110 -16.72 -34.57 -2.84
C ILE A 110 -17.36 -35.91 -2.43
N ALA A 111 -16.54 -36.94 -2.27
CA ALA A 111 -17.05 -38.26 -1.86
C ALA A 111 -17.87 -38.20 -0.58
N LYS A 112 -17.43 -37.38 0.36
CA LYS A 112 -18.13 -37.23 1.64
C LYS A 112 -19.31 -36.25 1.59
N PHE A 113 -19.12 -35.11 0.93
CA PHE A 113 -20.06 -34.00 1.07
C PHE A 113 -20.70 -33.53 -0.25
N GLY A 114 -20.24 -34.07 -1.37
CA GLY A 114 -20.90 -33.82 -2.64
C GLY A 114 -20.37 -32.65 -3.45
N ARG A 115 -19.71 -31.71 -2.78
CA ARG A 115 -19.37 -30.45 -3.44
C ARG A 115 -18.30 -29.70 -2.68
N VAL A 116 -17.75 -28.67 -3.33
CA VAL A 116 -16.83 -27.74 -2.69
C VAL A 116 -17.29 -26.30 -2.91
N ASP A 117 -17.45 -25.54 -1.83
CA ASP A 117 -17.92 -24.17 -1.93
C ASP A 117 -16.86 -23.18 -1.51
N ILE A 118 -15.97 -23.61 -0.61
CA ILE A 118 -15.02 -22.72 0.02
C ILE A 118 -13.69 -23.42 0.25
N LEU A 119 -12.61 -22.73 -0.06
CA LEU A 119 -11.29 -23.17 0.34
C LEU A 119 -10.65 -22.12 1.23
N VAL A 120 -10.24 -22.54 2.42
CA VAL A 120 -9.42 -21.70 3.29
C VAL A 120 -7.98 -22.22 3.26
N ASN A 121 -7.09 -21.54 2.53
CA ASN A 121 -5.66 -21.87 2.52
C ASN A 121 -5.00 -21.34 3.76
N ASN A 122 -5.00 -22.12 4.84
CA ASN A 122 -4.52 -21.65 6.12
C ASN A 122 -3.17 -22.20 6.55
N ALA A 123 -2.85 -23.40 6.09
CA ALA A 123 -1.55 -24.03 6.39
C ALA A 123 -0.37 -23.17 5.95
N GLY A 124 0.63 -23.05 6.82
CA GLY A 124 1.83 -22.30 6.53
C GLY A 124 2.90 -22.62 7.58
N ILE A 125 4.15 -22.39 7.22
CA ILE A 125 5.25 -22.54 8.17
C ILE A 125 5.82 -21.17 8.46
N GLY A 126 6.44 -21.03 9.62
CA GLY A 126 6.74 -19.73 10.17
C GLY A 126 8.09 -19.14 9.84
N GLY A 127 8.29 -17.92 10.33
CA GLY A 127 9.53 -17.18 10.14
C GLY A 127 10.63 -17.39 11.17
N VAL A 128 11.87 -17.39 10.69
CA VAL A 128 13.08 -17.53 11.53
C VAL A 128 13.95 -16.26 11.39
N ASN A 129 14.86 -16.05 12.33
CA ASN A 129 15.60 -14.78 12.37
C ASN A 129 17.04 -14.86 11.86
N THR A 130 17.33 -15.89 11.06
CA THR A 130 18.70 -16.15 10.64
C THR A 130 19.15 -15.19 9.55
N ALA A 131 20.45 -14.91 9.49
CA ALA A 131 20.97 -13.93 8.54
C ALA A 131 20.68 -14.39 7.13
N ILE A 132 20.22 -13.47 6.27
CA ILE A 132 19.84 -13.82 4.90
C ILE A 132 20.97 -14.46 4.10
N GLU A 133 22.19 -13.93 4.22
CA GLU A 133 23.30 -14.48 3.46
C GLU A 133 23.73 -15.89 3.93
N ASP A 134 23.17 -16.33 5.04
CA ASP A 134 23.45 -17.67 5.56
C ASP A 134 22.27 -18.62 5.40
N LEU A 135 21.27 -18.23 4.62
CA LEU A 135 20.11 -19.07 4.46
C LEU A 135 20.37 -20.06 3.33
N ASP A 136 20.23 -21.34 3.64
CA ASP A 136 20.36 -22.38 2.62
C ASP A 136 19.18 -22.36 1.68
N LEU A 137 19.46 -22.64 0.40
CA LEU A 137 18.42 -22.71 -0.62
C LEU A 137 17.26 -23.61 -0.19
N ALA A 138 17.58 -24.72 0.46
CA ALA A 138 16.56 -25.71 0.79
C ALA A 138 15.58 -25.14 1.80
N ASP A 139 16.08 -24.29 2.70
CA ASP A 139 15.25 -23.74 3.76
C ASP A 139 14.33 -22.66 3.21
N TRP A 140 14.88 -21.89 2.26
CA TRP A 140 14.15 -20.90 1.49
C TRP A 140 13.06 -21.56 0.63
N GLN A 141 13.45 -22.60 -0.11
CA GLN A 141 12.58 -23.29 -1.06
C GLN A 141 11.39 -23.93 -0.34
N LYS A 142 11.65 -24.51 0.82
CA LYS A 142 10.59 -25.13 1.61
C LYS A 142 9.52 -24.14 2.05
N VAL A 143 9.94 -22.95 2.45
CA VAL A 143 9.00 -21.91 2.85
C VAL A 143 8.18 -21.44 1.65
N ILE A 144 8.86 -21.23 0.53
CA ILE A 144 8.17 -20.86 -0.70
C ILE A 144 7.16 -21.96 -1.11
N ASP A 145 7.56 -23.22 -0.99
CA ASP A 145 6.71 -24.34 -1.35
C ASP A 145 5.43 -24.31 -0.57
N VAL A 146 5.54 -24.19 0.74
CA VAL A 146 4.39 -24.31 1.63
C VAL A 146 3.57 -23.02 1.74
N ASN A 147 4.24 -21.87 1.78
CA ASN A 147 3.54 -20.61 2.01
C ASN A 147 2.96 -19.97 0.75
N LEU A 148 3.56 -20.28 -0.39
CA LEU A 148 3.20 -19.62 -1.64
C LEU A 148 2.70 -20.62 -2.69
N THR A 149 3.56 -21.51 -3.15
CA THR A 149 3.20 -22.48 -4.18
C THR A 149 1.99 -23.32 -3.78
N ALA A 150 1.92 -23.75 -2.52
CA ALA A 150 0.80 -24.52 -2.02
C ALA A 150 -0.53 -23.76 -2.13
N ASN A 151 -0.47 -22.43 -1.98
CA ASN A 151 -1.66 -21.61 -2.20
C ASN A 151 -2.11 -21.71 -3.64
N PHE A 152 -1.16 -21.54 -4.56
CA PHE A 152 -1.45 -21.69 -5.99
C PHE A 152 -2.12 -23.02 -6.28
N LEU A 153 -1.50 -24.10 -5.81
CA LEU A 153 -2.01 -25.45 -6.01
C LEU A 153 -3.42 -25.61 -5.47
N GLY A 154 -3.65 -25.10 -4.25
CA GLY A 154 -4.97 -25.16 -3.67
C GLY A 154 -6.03 -24.43 -4.49
N GLU A 155 -5.71 -23.20 -4.90
CA GLU A 155 -6.60 -22.40 -5.75
C GLU A 155 -7.02 -23.21 -6.96
N LYS A 156 -6.03 -23.77 -7.64
CA LYS A 156 -6.25 -24.52 -8.87
C LYS A 156 -7.17 -25.70 -8.62
N ALA A 157 -6.95 -26.36 -7.49
CA ALA A 157 -7.76 -27.53 -7.17
C ALA A 157 -9.17 -27.13 -6.77
N ALA A 158 -9.28 -26.08 -5.96
CA ALA A 158 -10.60 -25.64 -5.52
C ALA A 158 -11.42 -25.09 -6.68
N ILE A 159 -10.77 -24.38 -7.59
CA ILE A 159 -11.48 -23.80 -8.73
C ILE A 159 -12.11 -24.87 -9.64
N LYS A 160 -11.31 -25.87 -10.02
CA LYS A 160 -11.83 -27.02 -10.77
C LYS A 160 -13.03 -27.67 -10.08
N ALA A 161 -12.91 -27.97 -8.79
CA ALA A 161 -14.00 -28.60 -8.04
C ALA A 161 -15.22 -27.70 -7.88
N MET A 162 -14.99 -26.39 -7.82
CA MET A 162 -16.12 -25.45 -7.79
C MET A 162 -16.87 -25.38 -9.15
N LYS A 163 -16.12 -25.43 -10.24
CA LYS A 163 -16.73 -25.43 -11.58
C LYS A 163 -17.48 -26.73 -11.82
N GLN A 164 -16.97 -27.81 -11.22
CA GLN A 164 -17.53 -29.14 -11.42
C GLN A 164 -18.75 -29.41 -10.55
N THR A 165 -18.77 -28.89 -9.33
CA THR A 165 -19.81 -29.28 -8.37
C THR A 165 -20.62 -28.15 -7.75
N ALA A 166 -20.22 -26.90 -8.01
CA ALA A 166 -20.87 -25.76 -7.36
C ALA A 166 -21.27 -24.66 -8.34
N ASP A 167 -21.54 -25.07 -9.58
CA ASP A 167 -21.93 -24.15 -10.66
C ASP A 167 -20.96 -22.99 -10.83
N ALA A 168 -19.67 -23.30 -10.73
CA ALA A 168 -18.60 -22.33 -10.89
C ALA A 168 -18.76 -21.12 -9.95
N LYS A 169 -19.23 -21.41 -8.74
CA LYS A 169 -19.35 -20.37 -7.73
C LYS A 169 -18.65 -20.83 -6.45
N GLY A 170 -17.94 -19.92 -5.80
CA GLY A 170 -17.21 -20.25 -4.60
C GLY A 170 -16.40 -19.11 -4.05
N SER A 171 -15.69 -19.39 -2.96
CA SER A 171 -14.90 -18.37 -2.29
C SER A 171 -13.62 -19.01 -1.78
N ILE A 172 -12.50 -18.40 -2.14
CA ILE A 172 -11.20 -18.87 -1.73
C ILE A 172 -10.53 -17.82 -0.83
N ILE A 173 -10.10 -18.26 0.35
CA ILE A 173 -9.47 -17.40 1.32
C ILE A 173 -8.02 -17.78 1.53
N ASN A 174 -7.11 -16.86 1.19
CA ASN A 174 -5.69 -17.11 1.43
C ASN A 174 -5.23 -16.44 2.72
N VAL A 175 -4.91 -17.25 3.73
CA VAL A 175 -4.53 -16.72 5.04
C VAL A 175 -3.02 -16.54 5.18
N SER A 176 -2.57 -15.34 5.56
CA SER A 176 -1.16 -15.14 5.91
C SER A 176 -0.93 -14.08 7.00
N SER A 177 -0.29 -14.49 8.09
CA SER A 177 -0.02 -13.59 9.23
C SER A 177 0.69 -12.31 8.81
N VAL A 178 0.28 -11.19 9.41
CA VAL A 178 0.96 -9.90 9.23
C VAL A 178 2.44 -10.11 9.52
N ALA A 179 2.73 -10.54 10.75
CA ALA A 179 4.08 -10.90 11.16
C ALA A 179 4.16 -12.36 11.62
N GLY A 180 5.14 -13.10 11.07
CA GLY A 180 5.36 -14.49 11.44
C GLY A 180 6.61 -14.70 12.28
N LEU A 181 7.29 -13.59 12.56
CA LEU A 181 8.46 -13.52 13.45
C LEU A 181 8.30 -12.25 14.28
N VAL A 182 8.89 -12.22 15.47
CA VAL A 182 8.71 -11.08 16.38
C VAL A 182 9.65 -9.90 16.07
N GLY A 183 9.11 -8.68 16.11
CA GLY A 183 9.88 -7.51 15.74
C GLY A 183 9.94 -7.37 14.23
N LEU A 184 11.06 -6.90 13.71
CA LEU A 184 11.21 -6.59 12.28
C LEU A 184 11.06 -7.79 11.34
N PRO A 185 10.20 -7.66 10.31
CA PRO A 185 10.02 -8.76 9.35
C PRO A 185 11.30 -8.98 8.57
N ILE A 186 12.26 -9.64 9.20
CA ILE A 186 13.58 -9.82 8.60
C ILE A 186 13.75 -11.19 7.91
N ASP A 187 12.74 -12.06 8.04
CA ASP A 187 12.80 -13.36 7.38
C ASP A 187 12.51 -13.16 5.90
N PRO A 188 13.55 -13.24 5.07
CA PRO A 188 13.31 -12.99 3.64
C PRO A 188 12.38 -14.03 3.02
N ALA A 189 12.44 -15.29 3.47
CA ALA A 189 11.62 -16.34 2.89
C ALA A 189 10.15 -16.15 3.25
N TYR A 190 9.89 -16.01 4.55
CA TYR A 190 8.54 -15.82 5.03
C TYR A 190 7.90 -14.56 4.46
N SER A 191 8.62 -13.44 4.52
CA SER A 191 8.10 -12.20 3.96
C SER A 191 7.85 -12.34 2.47
N ALA A 192 8.81 -12.93 1.75
CA ALA A 192 8.66 -13.06 0.31
C ALA A 192 7.42 -13.87 -0.04
N SER A 193 7.17 -14.95 0.69
CA SER A 193 6.07 -15.84 0.35
C SER A 193 4.71 -15.20 0.66
N LYS A 194 4.68 -14.39 1.72
CA LYS A 194 3.50 -13.65 2.12
C LYS A 194 3.19 -12.55 1.09
N GLY A 195 4.24 -11.90 0.59
CA GLY A 195 4.07 -10.89 -0.43
C GLY A 195 3.59 -11.53 -1.71
N GLY A 196 4.14 -12.70 -2.00
CA GLY A 196 3.72 -13.51 -3.14
C GLY A 196 2.27 -13.93 -3.04
N SER A 197 1.87 -14.42 -1.87
CA SER A 197 0.49 -14.83 -1.62
C SER A 197 -0.51 -13.69 -1.82
N ARG A 198 -0.11 -12.50 -1.41
CA ARG A 198 -0.97 -11.32 -1.52
C ARG A 198 -1.27 -11.01 -2.99
N LEU A 199 -0.22 -10.91 -3.79
CA LEU A 199 -0.40 -10.64 -5.21
C LEU A 199 -1.08 -11.80 -5.94
N LEU A 200 -0.80 -13.03 -5.52
CA LEU A 200 -1.44 -14.21 -6.09
C LEU A 200 -2.95 -14.03 -6.03
N THR A 201 -3.40 -13.62 -4.85
CA THR A 201 -4.79 -13.39 -4.57
C THR A 201 -5.41 -12.38 -5.52
N HIS A 202 -4.73 -11.25 -5.69
CA HIS A 202 -5.16 -10.23 -6.64
C HIS A 202 -5.27 -10.81 -8.04
N ALA A 203 -4.17 -11.35 -8.55
CA ALA A 203 -4.13 -11.89 -9.91
C ALA A 203 -5.17 -12.99 -10.14
N THR A 204 -5.39 -13.83 -9.14
CA THR A 204 -6.33 -14.95 -9.30
C THR A 204 -7.77 -14.48 -9.31
N ALA A 205 -8.12 -13.54 -8.42
CA ALA A 205 -9.46 -12.96 -8.41
C ALA A 205 -9.75 -12.34 -9.78
N LEU A 206 -8.80 -11.59 -10.29
CA LEU A 206 -8.89 -10.97 -11.61
C LEU A 206 -8.91 -11.97 -12.79
N ASN A 207 -8.03 -12.99 -12.73
CA ASN A 207 -7.97 -14.00 -13.78
C ASN A 207 -9.32 -14.71 -13.93
N LEU A 208 -9.97 -14.98 -12.81
CA LEU A 208 -11.29 -15.58 -12.83
C LEU A 208 -12.35 -14.58 -13.33
N ALA A 209 -12.32 -13.37 -12.80
CA ALA A 209 -13.41 -12.40 -13.01
C ALA A 209 -13.55 -12.06 -14.48
N GLN A 210 -12.40 -12.02 -15.15
CA GLN A 210 -12.29 -11.64 -16.55
C GLN A 210 -12.90 -12.69 -17.49
N ARG A 211 -13.12 -13.90 -17.00
CA ARG A 211 -13.75 -14.95 -17.81
C ARG A 211 -15.14 -15.22 -17.28
N GLY A 212 -15.65 -14.31 -16.47
CA GLY A 212 -17.01 -14.39 -15.97
C GLY A 212 -17.26 -15.46 -14.93
N ILE A 213 -16.22 -15.91 -14.25
CA ILE A 213 -16.41 -16.98 -13.26
C ILE A 213 -16.59 -16.41 -11.87
N ASP A 214 -17.73 -16.70 -11.24
CA ASP A 214 -18.04 -16.14 -9.94
C ASP A 214 -17.32 -16.84 -8.77
N ILE A 215 -16.00 -16.88 -8.84
CA ILE A 215 -15.22 -17.42 -7.72
C ILE A 215 -14.35 -16.31 -7.17
N ARG A 216 -14.68 -15.90 -5.94
CA ARG A 216 -13.97 -14.82 -5.27
C ARG A 216 -12.72 -15.33 -4.57
N VAL A 217 -11.67 -14.53 -4.65
CA VAL A 217 -10.43 -14.82 -3.95
C VAL A 217 -10.05 -13.59 -3.10
N ASN A 218 -9.94 -13.78 -1.79
CA ASN A 218 -9.47 -12.73 -0.90
C ASN A 218 -8.37 -13.22 0.04
N SER A 219 -7.66 -12.30 0.67
CA SER A 219 -6.66 -12.68 1.66
C SER A 219 -7.00 -12.17 3.06
N VAL A 220 -6.66 -12.96 4.06
CA VAL A 220 -6.83 -12.60 5.47
C VAL A 220 -5.43 -12.48 6.06
N HIS A 221 -5.23 -11.50 6.93
CA HIS A 221 -3.92 -11.23 7.51
C HIS A 221 -3.98 -11.09 9.02
N PRO A 222 -3.83 -12.23 9.72
CA PRO A 222 -3.83 -12.27 11.18
C PRO A 222 -2.58 -11.59 11.72
N GLY A 223 -2.72 -10.86 12.82
CA GLY A 223 -1.57 -10.29 13.50
C GLY A 223 -0.89 -11.33 14.36
N TRP A 224 -1.01 -11.20 15.69
CA TRP A 224 -0.48 -12.20 16.62
C TRP A 224 -1.63 -12.90 17.33
N ILE A 225 -1.79 -14.20 17.12
CA ILE A 225 -2.85 -14.96 17.80
C ILE A 225 -2.27 -15.83 18.91
N ASP A 226 -3.00 -15.93 20.01
CA ASP A 226 -2.55 -16.74 21.13
C ASP A 226 -2.79 -18.24 20.92
N THR A 227 -1.78 -18.92 20.39
CA THR A 227 -1.81 -20.37 20.18
C THR A 227 -0.58 -21.07 20.77
N SER A 228 0.57 -20.84 20.15
CA SER A 228 1.83 -21.45 20.55
C SER A 228 2.57 -20.61 21.61
N ILE A 229 2.99 -21.26 22.69
CA ILE A 229 3.66 -20.53 23.75
C ILE A 229 5.12 -20.26 23.38
N ILE A 230 5.62 -19.11 23.83
CA ILE A 230 6.93 -18.63 23.43
C ILE A 230 7.61 -18.04 24.67
N PRO A 231 8.96 -18.02 24.68
CA PRO A 231 9.74 -17.43 25.78
C PRO A 231 9.28 -16.02 26.15
N GLU A 232 9.30 -15.71 27.44
CA GLU A 232 8.73 -14.45 27.91
C GLU A 232 9.46 -13.22 27.40
N ASP A 233 10.76 -13.34 27.12
CA ASP A 233 11.51 -12.25 26.50
C ASP A 233 11.08 -11.99 25.05
N LEU A 234 10.23 -12.88 24.53
CA LEU A 234 9.61 -12.72 23.22
C LEU A 234 8.11 -12.36 23.37
N ARG A 235 7.37 -13.18 24.11
CA ARG A 235 5.95 -12.94 24.37
C ARG A 235 5.61 -11.54 24.88
N LYS A 236 6.41 -11.03 25.80
CA LYS A 236 6.26 -9.64 26.26
C LYS A 236 6.69 -8.71 25.13
N GLN A 237 7.78 -9.07 24.46
CA GLN A 237 8.28 -8.30 23.33
C GLN A 237 7.29 -8.34 22.15
N ILE A 238 6.46 -9.38 22.12
CA ILE A 238 5.45 -9.50 21.09
C ILE A 238 4.35 -8.48 21.33
N ILE A 239 3.71 -8.62 22.48
CA ILE A 239 2.62 -7.74 22.88
C ILE A 239 3.02 -6.27 22.79
N ALA A 240 4.29 -5.98 23.09
CA ALA A 240 4.80 -4.62 22.96
C ALA A 240 4.63 -4.04 21.56
N THR A 241 4.43 -4.91 20.57
CA THR A 241 4.29 -4.45 19.18
C THR A 241 2.84 -4.33 18.75
N ILE A 242 1.94 -4.76 19.62
CA ILE A 242 0.51 -4.70 19.35
C ILE A 242 -0.09 -3.54 20.14
N PRO A 243 -0.51 -2.48 19.42
CA PRO A 243 -1.11 -1.27 19.98
C PRO A 243 -2.19 -1.52 21.04
N VAL A 244 -3.04 -2.52 20.82
CA VAL A 244 -4.15 -2.80 21.71
C VAL A 244 -3.73 -3.57 22.98
N GLY A 245 -2.48 -4.00 23.04
CA GLY A 245 -1.90 -4.53 24.27
C GLY A 245 -2.10 -6.01 24.57
N HIS A 246 -2.49 -6.78 23.56
CA HIS A 246 -2.74 -8.20 23.75
C HIS A 246 -2.82 -8.89 22.39
N MET A 247 -2.90 -10.22 22.44
CA MET A 247 -2.99 -11.01 21.23
C MET A 247 -4.43 -11.36 20.93
N GLY A 248 -4.67 -11.76 19.68
CA GLY A 248 -5.99 -12.22 19.30
C GLY A 248 -6.22 -13.67 19.69
N GLN A 249 -7.47 -14.09 19.60
CA GLN A 249 -7.87 -15.49 19.71
C GLN A 249 -8.04 -16.07 18.31
N PRO A 250 -8.01 -17.40 18.18
CA PRO A 250 -8.25 -18.01 16.87
C PRO A 250 -9.63 -17.66 16.27
N GLN A 251 -10.68 -17.59 17.06
CA GLN A 251 -11.98 -17.26 16.49
C GLN A 251 -12.10 -15.82 15.93
N ASP A 252 -11.17 -14.95 16.32
CA ASP A 252 -11.08 -13.63 15.70
C ASP A 252 -10.85 -13.80 14.21
N ILE A 253 -10.01 -14.75 13.83
CA ILE A 253 -9.73 -14.98 12.43
C ILE A 253 -10.87 -15.77 11.80
N GLY A 254 -11.46 -16.69 12.57
CA GLY A 254 -12.65 -17.39 12.13
C GLY A 254 -13.80 -16.48 11.70
N GLU A 255 -14.02 -15.37 12.42
CA GLU A 255 -15.18 -14.53 12.17
C GLU A 255 -15.10 -13.83 10.82
N VAL A 256 -13.91 -13.34 10.49
CA VAL A 256 -13.68 -12.72 9.19
C VAL A 256 -13.85 -13.75 8.07
N CYS A 257 -13.48 -15.00 8.33
CA CYS A 257 -13.58 -16.05 7.33
C CYS A 257 -15.03 -16.47 7.08
N VAL A 258 -15.85 -16.44 8.14
CA VAL A 258 -17.29 -16.58 7.96
C VAL A 258 -17.83 -15.52 7.00
N TYR A 259 -17.54 -14.26 7.27
CA TYR A 259 -17.87 -13.17 6.34
C TYR A 259 -17.43 -13.45 4.89
N LEU A 260 -16.14 -13.74 4.69
CA LEU A 260 -15.63 -13.98 3.35
C LEU A 260 -16.19 -15.26 2.68
N GLY A 261 -16.51 -16.27 3.48
CA GLY A 261 -17.05 -17.51 2.95
C GLY A 261 -18.52 -17.43 2.54
N SER A 262 -19.27 -16.56 3.21
CA SER A 262 -20.70 -16.44 2.95
C SER A 262 -20.99 -15.50 1.79
N ASP A 263 -22.24 -15.47 1.36
CA ASP A 263 -22.62 -14.55 0.28
C ASP A 263 -22.81 -13.12 0.75
N GLU A 264 -22.60 -12.90 2.05
CA GLU A 264 -22.54 -11.55 2.61
C GLU A 264 -21.46 -10.73 1.94
N SER A 265 -20.47 -11.43 1.38
CA SER A 265 -19.30 -10.79 0.82
C SER A 265 -19.19 -10.96 -0.70
N ARG A 266 -20.34 -11.17 -1.34
CA ARG A 266 -20.42 -11.34 -2.80
C ARG A 266 -19.73 -10.26 -3.65
N PHE A 267 -19.49 -9.08 -3.09
CA PHE A 267 -18.84 -7.99 -3.84
C PHE A 267 -17.42 -7.74 -3.32
N ALA A 268 -17.00 -8.48 -2.30
CA ALA A 268 -15.60 -8.43 -1.86
C ALA A 268 -14.76 -9.42 -2.66
N ASN A 269 -13.74 -8.90 -3.34
CA ASN A 269 -12.99 -9.69 -4.28
C ASN A 269 -11.63 -9.06 -4.48
N GLY A 270 -10.59 -9.89 -4.48
CA GLY A 270 -9.22 -9.42 -4.65
C GLY A 270 -8.76 -8.47 -3.56
N ALA A 271 -9.34 -8.60 -2.37
CA ALA A 271 -9.08 -7.66 -1.30
C ALA A 271 -8.37 -8.30 -0.09
N GLU A 272 -7.82 -7.45 0.76
CA GLU A 272 -7.05 -7.91 1.91
C GLU A 272 -7.75 -7.54 3.20
N PHE A 273 -7.93 -8.54 4.06
CA PHE A 273 -8.65 -8.35 5.30
C PHE A 273 -7.74 -8.58 6.51
N THR A 274 -7.36 -7.50 7.18
CA THR A 274 -6.39 -7.54 8.27
C THR A 274 -7.08 -7.51 9.66
N VAL A 275 -6.73 -8.47 10.51
CA VAL A 275 -7.22 -8.54 11.89
C VAL A 275 -6.02 -8.67 12.82
N ASP A 276 -5.46 -7.55 13.25
CA ASP A 276 -4.14 -7.56 13.86
C ASP A 276 -4.01 -6.68 15.10
N GLY A 277 -5.12 -6.32 15.72
CA GLY A 277 -5.09 -5.40 16.84
C GLY A 277 -4.32 -4.12 16.55
N GLY A 278 -4.38 -3.66 15.29
CA GLY A 278 -3.70 -2.44 14.89
C GLY A 278 -2.21 -2.57 14.64
N GLN A 279 -1.71 -3.79 14.55
CA GLN A 279 -0.27 -4.03 14.36
C GLN A 279 0.41 -3.27 13.21
N ARG A 280 -0.16 -3.29 12.00
CA ARG A 280 0.46 -2.53 10.92
C ARG A 280 -0.27 -1.22 10.56
N ALA A 281 -1.10 -0.73 11.49
CA ALA A 281 -1.73 0.57 11.29
C ALA A 281 -0.69 1.69 11.31
N THR B 34 29.32 14.55 -14.44
CA THR B 34 29.24 13.10 -14.61
C THR B 34 29.98 12.36 -13.49
N ASP B 35 30.42 11.14 -13.78
CA ASP B 35 31.09 10.27 -12.81
C ASP B 35 30.30 10.03 -11.52
N ARG B 36 28.99 9.89 -11.63
CA ARG B 36 28.16 9.69 -10.45
C ARG B 36 28.34 8.30 -9.82
N LEU B 37 28.75 7.33 -10.64
CA LEU B 37 29.08 5.99 -10.17
C LEU B 37 30.57 5.70 -10.24
N LYS B 38 31.38 6.70 -9.92
CA LYS B 38 32.84 6.61 -10.07
C LYS B 38 33.47 5.47 -9.28
N ASP B 39 34.25 4.66 -9.99
CA ASP B 39 34.97 3.51 -9.42
C ASP B 39 34.09 2.46 -8.76
N LYS B 40 32.82 2.39 -9.15
CA LYS B 40 31.94 1.35 -8.64
C LYS B 40 31.88 0.19 -9.64
N VAL B 41 31.76 -1.02 -9.10
CA VAL B 41 31.65 -2.21 -9.93
C VAL B 41 30.26 -2.77 -9.76
N ALA B 42 29.55 -2.97 -10.87
CA ALA B 42 28.18 -3.49 -10.80
C ALA B 42 27.94 -4.73 -11.64
N ILE B 43 27.24 -5.70 -11.06
CA ILE B 43 26.73 -6.83 -11.82
C ILE B 43 25.29 -6.55 -12.19
N ILE B 44 24.98 -6.67 -13.47
CA ILE B 44 23.63 -6.44 -13.97
C ILE B 44 23.12 -7.66 -14.71
N THR B 45 22.22 -8.42 -14.08
CA THR B 45 21.65 -9.58 -14.75
C THR B 45 20.66 -9.12 -15.80
N GLY B 46 20.48 -9.92 -16.85
CA GLY B 46 19.69 -9.53 -18.00
C GLY B 46 20.18 -8.22 -18.58
N GLY B 47 21.50 -8.08 -18.68
CA GLY B 47 22.12 -6.79 -18.95
C GLY B 47 22.39 -6.42 -20.39
N VAL B 48 22.02 -7.29 -21.33
CA VAL B 48 22.47 -7.11 -22.70
C VAL B 48 21.35 -6.68 -23.65
N ALA B 49 20.12 -6.74 -23.16
CA ALA B 49 18.96 -6.28 -23.92
C ALA B 49 17.95 -5.53 -23.05
N GLY B 50 17.02 -4.85 -23.70
CA GLY B 50 15.94 -4.12 -23.05
C GLY B 50 16.33 -3.24 -21.88
N ILE B 51 15.59 -3.39 -20.80
CA ILE B 51 15.78 -2.59 -19.60
C ILE B 51 17.22 -2.68 -19.05
N GLY B 52 17.72 -3.89 -18.93
CA GLY B 52 19.06 -4.11 -18.40
C GLY B 52 20.18 -3.44 -19.20
N LEU B 53 20.05 -3.44 -20.53
CA LEU B 53 21.03 -2.76 -21.36
C LEU B 53 20.95 -1.26 -21.13
N GLY B 54 19.72 -0.78 -20.93
CA GLY B 54 19.50 0.62 -20.58
C GLY B 54 20.21 0.96 -19.28
N ILE B 55 20.06 0.09 -18.28
CA ILE B 55 20.71 0.28 -16.99
C ILE B 55 22.25 0.30 -17.19
N ALA B 56 22.77 -0.70 -17.90
CA ALA B 56 24.20 -0.75 -18.18
C ALA B 56 24.69 0.51 -18.90
N GLU B 57 23.93 0.97 -19.89
CA GLU B 57 24.31 2.18 -20.62
C GLU B 57 24.44 3.41 -19.72
N CYS B 58 23.50 3.58 -18.80
CA CYS B 58 23.59 4.66 -17.82
C CYS B 58 24.76 4.47 -16.87
N TYR B 59 24.97 3.22 -16.44
CA TYR B 59 26.05 2.88 -15.51
C TYR B 59 27.44 3.16 -16.08
N VAL B 60 27.66 2.71 -17.31
CA VAL B 60 28.90 2.98 -18.02
C VAL B 60 29.13 4.48 -18.17
N ARG B 61 28.09 5.18 -18.62
CA ARG B 61 28.10 6.63 -18.76
C ARG B 61 28.58 7.35 -17.51
N GLU B 62 28.25 6.79 -16.35
CA GLU B 62 28.55 7.45 -15.09
C GLU B 62 29.78 6.92 -14.38
N GLY B 63 30.62 6.18 -15.10
CA GLY B 63 31.91 5.75 -14.57
C GLY B 63 31.94 4.42 -13.84
N ALA B 64 30.97 3.55 -14.11
CA ALA B 64 30.95 2.24 -13.46
C ALA B 64 31.66 1.18 -14.30
N LYS B 65 32.21 0.18 -13.62
CA LYS B 65 32.59 -1.05 -14.30
C LYS B 65 31.38 -1.98 -14.22
N VAL B 66 30.95 -2.51 -15.36
CA VAL B 66 29.75 -3.33 -15.37
C VAL B 66 29.96 -4.76 -15.88
N VAL B 67 29.56 -5.73 -15.07
CA VAL B 67 29.51 -7.12 -15.50
C VAL B 67 28.06 -7.42 -15.88
N VAL B 68 27.77 -7.44 -17.17
CA VAL B 68 26.42 -7.77 -17.64
C VAL B 68 26.30 -9.26 -17.96
N THR B 69 25.16 -9.85 -17.59
CA THR B 69 24.94 -11.26 -17.82
C THR B 69 23.70 -11.54 -18.66
N ALA B 70 23.67 -12.76 -19.20
CA ALA B 70 22.51 -13.31 -19.88
C ALA B 70 22.59 -14.83 -19.81
N ASN B 71 21.50 -15.51 -20.15
CA ASN B 71 21.48 -16.95 -20.10
C ASN B 71 21.69 -17.52 -21.49
N HIS B 72 21.23 -16.77 -22.48
CA HIS B 72 21.19 -17.23 -23.86
C HIS B 72 21.24 -16.06 -24.83
N ASN B 73 22.22 -15.18 -24.66
CA ASN B 73 22.42 -14.05 -25.57
C ASN B 73 23.88 -13.60 -25.69
N VAL B 74 24.76 -14.52 -26.06
CA VAL B 74 26.17 -14.21 -26.27
C VAL B 74 26.35 -13.09 -27.31
N ASP B 75 25.50 -13.11 -28.34
CA ASP B 75 25.51 -12.07 -29.37
C ASP B 75 25.22 -10.70 -28.79
N GLY B 76 24.30 -10.65 -27.83
CA GLY B 76 23.96 -9.41 -27.16
C GLY B 76 25.09 -8.97 -26.29
N GLY B 77 25.66 -9.92 -25.56
CA GLY B 77 26.75 -9.65 -24.63
C GLY B 77 28.02 -9.19 -25.31
N ARG B 78 28.15 -9.49 -26.59
CA ARG B 78 29.34 -9.12 -27.35
C ARG B 78 29.23 -7.70 -27.87
N ALA B 79 28.07 -7.35 -28.39
CA ALA B 79 27.79 -5.98 -28.83
C ALA B 79 27.93 -4.98 -27.67
N ALA B 80 27.47 -5.37 -26.50
CA ALA B 80 27.57 -4.52 -25.33
C ALA B 80 29.02 -4.29 -24.95
N VAL B 81 29.77 -5.39 -24.85
CA VAL B 81 31.18 -5.34 -24.51
C VAL B 81 31.94 -4.53 -25.55
N ALA B 82 31.63 -4.76 -26.82
CA ALA B 82 32.25 -4.00 -27.90
C ALA B 82 31.97 -2.50 -27.81
N LYS B 83 30.73 -2.15 -27.49
CA LYS B 83 30.38 -0.73 -27.46
C LYS B 83 30.82 -0.02 -26.17
N PHE B 84 30.88 -0.74 -25.06
CA PHE B 84 31.31 -0.14 -23.81
C PHE B 84 32.84 -0.05 -23.70
N GLY B 85 33.52 -0.93 -24.44
CA GLY B 85 34.97 -1.08 -24.35
C GLY B 85 35.31 -2.43 -23.74
N ASP B 86 36.59 -2.77 -23.63
CA ASP B 86 36.95 -4.04 -23.02
C ASP B 86 37.35 -3.85 -21.55
N ASP B 87 37.67 -2.62 -21.17
CA ASP B 87 38.23 -2.35 -19.85
C ASP B 87 37.20 -1.88 -18.84
N VAL B 88 35.98 -1.65 -19.32
CA VAL B 88 34.93 -1.07 -18.49
C VAL B 88 33.74 -2.03 -18.37
N SER B 89 33.60 -2.94 -19.34
CA SER B 89 32.53 -3.93 -19.33
C SER B 89 33.03 -5.36 -19.53
N LEU B 90 32.34 -6.30 -18.87
CA LEU B 90 32.61 -7.73 -18.97
C LEU B 90 31.32 -8.53 -19.08
N PHE B 91 31.25 -9.43 -20.05
CA PHE B 91 30.08 -10.31 -20.22
C PHE B 91 30.29 -11.71 -19.66
N VAL B 92 29.28 -12.22 -18.97
CA VAL B 92 29.28 -13.58 -18.45
C VAL B 92 27.95 -14.24 -18.78
N GLN B 93 27.97 -15.51 -19.19
CA GLN B 93 26.73 -16.25 -19.36
C GLN B 93 26.22 -16.56 -17.96
N GLN B 94 24.91 -16.47 -17.74
CA GLN B 94 24.34 -16.75 -16.43
C GLN B 94 22.87 -17.17 -16.46
N ASP B 95 22.59 -18.28 -15.79
CA ASP B 95 21.23 -18.64 -15.43
C ASP B 95 20.97 -18.21 -13.98
N VAL B 96 20.20 -17.15 -13.81
CA VAL B 96 20.01 -16.59 -12.47
C VAL B 96 19.29 -17.53 -11.51
N SER B 97 18.61 -18.54 -12.05
CA SER B 97 17.97 -19.55 -11.21
C SER B 97 18.95 -20.57 -10.64
N LYS B 98 20.15 -20.65 -11.23
CA LYS B 98 21.15 -21.65 -10.83
C LYS B 98 22.13 -21.12 -9.79
N GLU B 99 22.15 -21.74 -8.61
CA GLU B 99 22.99 -21.27 -7.51
C GLU B 99 24.48 -21.28 -7.87
N ALA B 100 24.87 -22.20 -8.74
CA ALA B 100 26.27 -22.35 -9.15
C ALA B 100 26.73 -21.23 -10.08
N ASP B 101 25.82 -20.71 -10.89
CA ASP B 101 26.16 -19.62 -11.80
C ASP B 101 26.38 -18.29 -11.08
N TRP B 102 25.78 -18.13 -9.90
CA TRP B 102 26.00 -16.93 -9.11
C TRP B 102 27.46 -16.89 -8.66
N GLN B 103 27.95 -18.04 -8.21
CA GLN B 103 29.35 -18.18 -7.83
C GLN B 103 30.25 -17.86 -9.02
N LYS B 104 29.91 -18.45 -10.15
CA LYS B 104 30.65 -18.22 -11.38
C LYS B 104 30.72 -16.74 -11.71
N VAL B 105 29.57 -16.06 -11.75
CA VAL B 105 29.52 -14.63 -12.06
C VAL B 105 30.30 -13.81 -11.05
N ILE B 106 30.06 -14.05 -9.77
CA ILE B 106 30.82 -13.37 -8.72
C ILE B 106 32.31 -13.49 -8.94
N ASP B 107 32.78 -14.74 -9.02
CA ASP B 107 34.20 -15.05 -9.20
C ASP B 107 34.81 -14.28 -10.37
N ALA B 108 34.11 -14.27 -11.49
CA ALA B 108 34.57 -13.59 -12.70
C ALA B 108 34.56 -12.06 -12.58
N THR B 109 33.71 -11.54 -11.69
CA THR B 109 33.63 -10.10 -11.48
C THR B 109 34.79 -9.65 -10.61
N ILE B 110 35.13 -10.47 -9.63
CA ILE B 110 36.27 -10.20 -8.78
C ILE B 110 37.56 -10.45 -9.56
N ALA B 111 37.53 -11.41 -10.48
CA ALA B 111 38.66 -11.68 -11.33
C ALA B 111 38.99 -10.45 -12.15
N LYS B 112 37.98 -9.88 -12.79
CA LYS B 112 38.15 -8.78 -13.72
C LYS B 112 38.27 -7.41 -13.06
N PHE B 113 37.46 -7.12 -12.05
CA PHE B 113 37.44 -5.78 -11.44
C PHE B 113 37.77 -5.76 -9.95
N GLY B 114 38.01 -6.93 -9.38
CA GLY B 114 38.47 -7.00 -8.00
C GLY B 114 37.52 -6.63 -6.86
N ARG B 115 36.26 -6.31 -7.16
CA ARG B 115 35.30 -5.95 -6.10
C ARG B 115 33.86 -5.96 -6.61
N VAL B 116 32.91 -5.97 -5.68
CA VAL B 116 31.50 -5.86 -6.03
C VAL B 116 30.86 -4.77 -5.18
N ASP B 117 30.36 -3.72 -5.81
CA ASP B 117 29.70 -2.63 -5.09
C ASP B 117 28.18 -2.62 -5.27
N ILE B 118 27.71 -3.12 -6.41
CA ILE B 118 26.31 -2.97 -6.78
C ILE B 118 25.82 -4.24 -7.46
N LEU B 119 24.63 -4.70 -7.09
CA LEU B 119 23.95 -5.76 -7.83
C LEU B 119 22.59 -5.30 -8.32
N VAL B 120 22.36 -5.42 -9.62
CA VAL B 120 21.06 -5.14 -10.18
C VAL B 120 20.39 -6.43 -10.64
N ASN B 121 19.47 -6.94 -9.83
CA ASN B 121 18.62 -8.06 -10.22
C ASN B 121 17.58 -7.66 -11.25
N ASN B 122 17.94 -7.73 -12.53
CA ASN B 122 17.04 -7.33 -13.60
C ASN B 122 16.51 -8.49 -14.45
N ALA B 123 17.22 -9.60 -14.44
CA ALA B 123 16.75 -10.78 -15.16
C ALA B 123 15.39 -11.19 -14.62
N GLY B 124 14.50 -11.53 -15.53
CA GLY B 124 13.16 -11.93 -15.20
C GLY B 124 12.49 -12.39 -16.46
N ILE B 125 11.44 -13.19 -16.31
CA ILE B 125 10.74 -13.75 -17.46
C ILE B 125 9.25 -13.65 -17.20
N GLY B 126 8.47 -13.53 -18.26
CA GLY B 126 7.03 -13.66 -18.16
C GLY B 126 6.70 -15.14 -18.12
N GLY B 127 5.41 -15.46 -17.96
CA GLY B 127 4.99 -16.85 -17.98
C GLY B 127 3.92 -17.09 -19.03
N VAL B 128 3.23 -18.22 -18.93
CA VAL B 128 2.10 -18.51 -19.80
C VAL B 128 0.94 -17.55 -19.48
N ASN B 129 0.16 -17.16 -20.49
CA ASN B 129 -0.96 -16.23 -20.28
C ASN B 129 -2.32 -16.90 -20.08
N THR B 130 -2.26 -18.08 -19.47
CA THR B 130 -3.39 -19.00 -19.39
C THR B 130 -4.40 -18.68 -18.29
N ALA B 131 -5.48 -19.46 -18.26
CA ALA B 131 -6.42 -19.48 -17.14
C ALA B 131 -5.76 -20.13 -15.93
N ILE B 132 -5.94 -19.52 -14.75
CA ILE B 132 -5.25 -19.94 -13.54
C ILE B 132 -5.38 -21.45 -13.23
N GLU B 133 -6.57 -22.02 -13.39
CA GLU B 133 -6.79 -23.43 -13.05
C GLU B 133 -6.13 -24.39 -14.04
N ASP B 134 -5.59 -23.86 -15.14
CA ASP B 134 -4.95 -24.70 -16.14
C ASP B 134 -3.45 -24.47 -16.21
N LEU B 135 -2.93 -23.64 -15.32
CA LEU B 135 -1.48 -23.41 -15.33
C LEU B 135 -0.77 -24.63 -14.76
N ASP B 136 0.16 -25.19 -15.54
CA ASP B 136 0.97 -26.33 -15.09
C ASP B 136 1.96 -25.89 -14.03
N LEU B 137 2.14 -26.73 -13.02
CA LEU B 137 3.04 -26.42 -11.91
C LEU B 137 4.44 -26.07 -12.39
N ALA B 138 4.91 -26.77 -13.43
CA ALA B 138 6.25 -26.51 -13.98
C ALA B 138 6.37 -25.09 -14.53
N ASP B 139 5.28 -24.56 -15.08
CA ASP B 139 5.25 -23.18 -15.57
C ASP B 139 5.21 -22.17 -14.42
N TRP B 140 4.34 -22.44 -13.44
CA TRP B 140 4.38 -21.69 -12.19
C TRP B 140 5.80 -21.66 -11.63
N GLN B 141 6.40 -22.84 -11.48
CA GLN B 141 7.68 -22.97 -10.77
C GLN B 141 8.81 -22.26 -11.49
N LYS B 142 8.82 -22.34 -12.81
CA LYS B 142 9.84 -21.64 -13.60
C LYS B 142 9.80 -20.13 -13.42
N VAL B 143 8.61 -19.55 -13.34
CA VAL B 143 8.54 -18.11 -13.10
C VAL B 143 9.06 -17.76 -11.70
N ILE B 144 8.62 -18.53 -10.70
CA ILE B 144 9.06 -18.35 -9.32
C ILE B 144 10.57 -18.52 -9.18
N ASP B 145 11.16 -19.48 -9.89
CA ASP B 145 12.61 -19.67 -9.88
C ASP B 145 13.37 -18.47 -10.43
N VAL B 146 12.93 -17.96 -11.56
CA VAL B 146 13.68 -16.91 -12.23
C VAL B 146 13.41 -15.51 -11.66
N ASN B 147 12.17 -15.24 -11.27
CA ASN B 147 11.81 -13.89 -10.84
C ASN B 147 11.93 -13.64 -9.36
N LEU B 148 11.87 -14.70 -8.57
CA LEU B 148 11.82 -14.53 -7.12
C LEU B 148 13.00 -15.22 -6.45
N THR B 149 13.11 -16.53 -6.65
CA THR B 149 14.20 -17.29 -6.02
C THR B 149 15.58 -16.80 -6.51
N ALA B 150 15.69 -16.49 -7.79
CA ALA B 150 16.92 -15.94 -8.34
C ALA B 150 17.36 -14.66 -7.63
N ASN B 151 16.41 -13.77 -7.33
CA ASN B 151 16.71 -12.54 -6.59
C ASN B 151 17.32 -12.84 -5.22
N PHE B 152 16.75 -13.82 -4.51
CA PHE B 152 17.28 -14.23 -3.22
C PHE B 152 18.70 -14.79 -3.36
N LEU B 153 18.91 -15.62 -4.38
CA LEU B 153 20.24 -16.18 -4.65
C LEU B 153 21.26 -15.08 -4.96
N GLY B 154 20.89 -14.14 -5.82
CA GLY B 154 21.76 -13.01 -6.10
C GLY B 154 22.10 -12.20 -4.86
N GLU B 155 21.11 -12.00 -3.99
CA GLU B 155 21.34 -11.23 -2.78
C GLU B 155 22.38 -11.89 -1.89
N LYS B 156 22.23 -13.19 -1.64
CA LYS B 156 23.22 -13.96 -0.89
C LYS B 156 24.60 -13.78 -1.49
N ALA B 157 24.70 -14.05 -2.79
CA ALA B 157 25.96 -13.96 -3.51
C ALA B 157 26.57 -12.59 -3.28
N ALA B 158 25.81 -11.54 -3.59
CA ALA B 158 26.31 -10.17 -3.54
C ALA B 158 26.69 -9.74 -2.14
N ILE B 159 25.90 -10.14 -1.14
CA ILE B 159 26.21 -9.76 0.23
C ILE B 159 27.56 -10.35 0.66
N LYS B 160 27.81 -11.59 0.24
CA LYS B 160 29.07 -12.25 0.60
C LYS B 160 30.23 -11.52 -0.06
N ALA B 161 30.09 -11.22 -1.35
CA ALA B 161 31.12 -10.51 -2.09
C ALA B 161 31.37 -9.08 -1.56
N MET B 162 30.34 -8.43 -1.03
CA MET B 162 30.48 -7.07 -0.53
C MET B 162 31.16 -7.07 0.84
N LYS B 163 30.84 -8.08 1.63
CA LYS B 163 31.40 -8.22 2.96
C LYS B 163 32.92 -8.32 2.89
N GLN B 164 33.41 -9.04 1.89
CA GLN B 164 34.84 -9.26 1.80
C GLN B 164 35.58 -8.27 0.91
N THR B 165 34.98 -7.89 -0.22
CA THR B 165 35.71 -7.06 -1.19
C THR B 165 35.30 -5.58 -1.25
N ALA B 166 34.43 -5.14 -0.36
CA ALA B 166 33.97 -3.76 -0.38
C ALA B 166 33.75 -3.20 1.02
N ASP B 167 34.31 -3.88 2.01
CA ASP B 167 34.16 -3.50 3.42
C ASP B 167 32.71 -3.57 3.88
N ALA B 168 31.97 -4.52 3.33
CA ALA B 168 30.57 -4.75 3.72
C ALA B 168 29.69 -3.53 3.45
N LYS B 169 29.92 -2.89 2.32
CA LYS B 169 29.14 -1.75 1.89
C LYS B 169 28.68 -1.99 0.49
N GLY B 170 27.43 -1.65 0.19
CA GLY B 170 26.96 -1.80 -1.17
C GLY B 170 25.47 -1.58 -1.36
N SER B 171 25.01 -1.84 -2.57
CA SER B 171 23.65 -1.52 -2.96
C SER B 171 23.11 -2.63 -3.85
N ILE B 172 21.97 -3.21 -3.45
CA ILE B 172 21.30 -4.19 -4.29
C ILE B 172 19.96 -3.61 -4.75
N ILE B 173 19.70 -3.73 -6.04
CA ILE B 173 18.50 -3.18 -6.66
C ILE B 173 17.68 -4.32 -7.26
N ASN B 174 16.53 -4.61 -6.65
CA ASN B 174 15.65 -5.63 -7.19
C ASN B 174 14.67 -5.03 -8.20
N VAL B 175 14.84 -5.38 -9.46
CA VAL B 175 13.96 -4.85 -10.49
C VAL B 175 12.75 -5.76 -10.57
N SER B 176 11.69 -5.38 -9.85
CA SER B 176 10.42 -6.10 -9.91
C SER B 176 9.63 -5.53 -11.05
N SER B 177 8.42 -5.09 -10.74
CA SER B 177 7.54 -4.45 -11.69
C SER B 177 6.26 -3.95 -11.02
N VAL B 178 5.45 -3.24 -11.82
CA VAL B 178 4.14 -2.77 -11.40
C VAL B 178 3.25 -3.97 -11.05
N ALA B 179 3.51 -5.09 -11.72
CA ALA B 179 2.83 -6.36 -11.44
C ALA B 179 3.05 -6.87 -10.01
N GLY B 180 4.06 -6.32 -9.32
CA GLY B 180 4.33 -6.65 -7.93
C GLY B 180 3.61 -5.71 -6.95
N LEU B 181 2.91 -4.73 -7.51
CA LEU B 181 2.15 -3.77 -6.72
C LEU B 181 0.64 -4.02 -6.93
N VAL B 182 0.24 -4.23 -8.18
CA VAL B 182 -1.14 -4.59 -8.53
C VAL B 182 -1.17 -5.84 -9.39
N GLY B 183 -2.26 -6.61 -9.32
CA GLY B 183 -2.36 -7.87 -10.03
C GLY B 183 -2.35 -7.83 -11.57
N LEU B 184 -1.64 -8.79 -12.15
CA LEU B 184 -1.62 -8.97 -13.60
C LEU B 184 -2.45 -10.22 -13.95
N PRO B 185 -3.72 -10.00 -14.34
CA PRO B 185 -4.65 -11.10 -14.62
C PRO B 185 -4.07 -12.18 -15.54
N ILE B 186 -3.50 -11.77 -16.68
CA ILE B 186 -2.84 -12.67 -17.65
C ILE B 186 -1.66 -13.52 -17.13
N ASP B 187 -1.15 -13.20 -15.94
CA ASP B 187 0.02 -13.91 -15.41
C ASP B 187 0.11 -13.82 -13.90
N PRO B 188 -0.66 -14.66 -13.19
CA PRO B 188 -0.67 -14.79 -11.74
C PRO B 188 0.66 -15.24 -11.13
N ALA B 189 1.45 -16.01 -11.87
CA ALA B 189 2.75 -16.43 -11.39
C ALA B 189 3.73 -15.25 -11.41
N TYR B 190 3.64 -14.44 -12.47
CA TYR B 190 4.44 -13.21 -12.54
C TYR B 190 4.05 -12.26 -11.40
N SER B 191 2.76 -12.11 -11.14
CA SER B 191 2.30 -11.25 -10.05
C SER B 191 2.80 -11.75 -8.72
N ALA B 192 2.61 -13.04 -8.45
CA ALA B 192 3.07 -13.65 -7.22
C ALA B 192 4.57 -13.44 -7.04
N SER B 193 5.33 -13.56 -8.12
CA SER B 193 6.79 -13.50 -7.98
C SER B 193 7.28 -12.07 -7.75
N LYS B 194 6.63 -11.10 -8.39
CA LYS B 194 7.02 -9.71 -8.20
C LYS B 194 6.54 -9.19 -6.85
N GLY B 195 5.42 -9.72 -6.39
CA GLY B 195 4.94 -9.44 -5.05
C GLY B 195 5.94 -9.99 -4.05
N GLY B 196 6.49 -11.16 -4.39
CA GLY B 196 7.51 -11.78 -3.56
C GLY B 196 8.80 -10.98 -3.53
N SER B 197 9.25 -10.53 -4.70
CA SER B 197 10.47 -9.74 -4.84
C SER B 197 10.38 -8.51 -3.97
N ARG B 198 9.19 -7.92 -3.97
CA ARG B 198 8.96 -6.70 -3.23
C ARG B 198 9.16 -6.88 -1.72
N LEU B 199 8.49 -7.86 -1.14
CA LEU B 199 8.65 -8.09 0.30
C LEU B 199 10.04 -8.63 0.63
N LEU B 200 10.62 -9.44 -0.27
CA LEU B 200 12.02 -9.87 -0.13
C LEU B 200 12.96 -8.66 0.06
N THR B 201 12.75 -7.62 -0.75
CA THR B 201 13.50 -6.38 -0.61
C THR B 201 13.39 -5.79 0.79
N HIS B 202 12.18 -5.58 1.26
CA HIS B 202 11.97 -5.07 2.62
C HIS B 202 12.70 -5.89 3.66
N ALA B 203 12.47 -7.21 3.62
CA ALA B 203 13.02 -8.15 4.58
C ALA B 203 14.55 -8.20 4.55
N THR B 204 15.12 -8.27 3.36
CA THR B 204 16.56 -8.31 3.22
C THR B 204 17.20 -7.04 3.75
N ALA B 205 16.59 -5.90 3.42
CA ALA B 205 17.13 -4.62 3.86
C ALA B 205 17.16 -4.56 5.38
N LEU B 206 16.08 -5.01 6.01
CA LEU B 206 15.99 -5.01 7.46
C LEU B 206 16.88 -6.08 8.13
N ASN B 207 17.14 -7.17 7.42
CA ASN B 207 17.93 -8.24 7.98
C ASN B 207 19.39 -7.77 8.12
N LEU B 208 19.88 -7.13 7.06
CA LEU B 208 21.22 -6.56 7.02
C LEU B 208 21.40 -5.38 7.97
N ALA B 209 20.40 -4.52 8.06
CA ALA B 209 20.49 -3.30 8.85
C ALA B 209 20.54 -3.60 10.33
N GLN B 210 19.77 -4.60 10.73
CA GLN B 210 19.67 -4.97 12.13
C GLN B 210 21.01 -5.47 12.64
N ARG B 211 21.83 -5.96 11.72
CA ARG B 211 23.17 -6.44 12.04
C ARG B 211 24.23 -5.39 11.68
N GLY B 212 23.81 -4.13 11.60
CA GLY B 212 24.72 -3.03 11.36
C GLY B 212 25.51 -3.13 10.07
N ILE B 213 24.95 -3.82 9.08
CA ILE B 213 25.64 -3.97 7.80
C ILE B 213 25.11 -2.98 6.76
N ASP B 214 26.02 -2.19 6.21
CA ASP B 214 25.69 -1.07 5.33
C ASP B 214 25.54 -1.56 3.90
N ILE B 215 24.68 -2.56 3.73
CA ILE B 215 24.28 -2.99 2.42
C ILE B 215 22.80 -2.63 2.24
N ARG B 216 22.53 -1.75 1.29
CA ARG B 216 21.17 -1.27 1.04
C ARG B 216 20.50 -2.16 0.01
N VAL B 217 19.19 -2.31 0.16
CA VAL B 217 18.38 -3.07 -0.80
C VAL B 217 17.09 -2.32 -1.08
N ASN B 218 16.84 -2.06 -2.36
CA ASN B 218 15.65 -1.37 -2.78
C ASN B 218 15.11 -2.05 -4.02
N SER B 219 13.83 -1.83 -4.28
CA SER B 219 13.23 -2.32 -5.51
C SER B 219 12.85 -1.20 -6.47
N VAL B 220 12.87 -1.52 -7.76
CA VAL B 220 12.45 -0.58 -8.77
C VAL B 220 11.31 -1.25 -9.50
N HIS B 221 10.27 -0.48 -9.79
CA HIS B 221 9.09 -1.03 -10.44
C HIS B 221 8.78 -0.32 -11.73
N PRO B 222 9.26 -0.88 -12.84
CA PRO B 222 8.99 -0.38 -14.18
C PRO B 222 7.55 -0.71 -14.61
N GLY B 223 6.94 0.20 -15.35
CA GLY B 223 5.67 -0.05 -15.98
C GLY B 223 5.98 -0.63 -17.34
N TRP B 224 5.35 -0.07 -18.37
CA TRP B 224 5.59 -0.54 -19.73
C TRP B 224 6.74 0.22 -20.35
N ILE B 225 7.83 -0.49 -20.59
CA ILE B 225 8.98 0.06 -21.27
C ILE B 225 9.04 -0.50 -22.69
N ASP B 226 9.35 0.35 -23.66
CA ASP B 226 9.41 -0.05 -25.06
C ASP B 226 10.69 -0.79 -25.39
N THR B 227 10.61 -2.11 -25.49
CA THR B 227 11.77 -2.93 -25.85
C THR B 227 11.54 -3.77 -27.12
N SER B 228 10.47 -4.58 -27.11
CA SER B 228 10.10 -5.40 -28.26
C SER B 228 9.55 -4.57 -29.41
N ILE B 229 9.33 -5.19 -30.57
CA ILE B 229 8.78 -4.47 -31.72
C ILE B 229 7.25 -4.41 -31.70
N ILE B 230 6.62 -5.56 -31.42
CA ILE B 230 5.17 -5.70 -31.18
C ILE B 230 4.17 -5.13 -32.22
N PRO B 231 3.01 -5.79 -32.37
CA PRO B 231 2.01 -5.31 -33.34
C PRO B 231 1.28 -4.06 -32.85
N GLU B 232 0.72 -3.30 -33.79
CA GLU B 232 0.08 -2.02 -33.47
C GLU B 232 -1.15 -2.15 -32.58
N ASP B 233 -1.91 -3.23 -32.76
CA ASP B 233 -3.11 -3.47 -31.97
C ASP B 233 -2.78 -3.62 -30.49
N LEU B 234 -1.79 -4.46 -30.21
CA LEU B 234 -1.33 -4.70 -28.86
C LEU B 234 -0.71 -3.43 -28.29
N ARG B 235 0.07 -2.74 -29.12
CA ARG B 235 0.67 -1.46 -28.76
C ARG B 235 -0.40 -0.50 -28.28
N LYS B 236 -1.40 -0.29 -29.13
CA LYS B 236 -2.44 0.68 -28.85
C LYS B 236 -3.14 0.37 -27.52
N GLN B 237 -3.32 -0.91 -27.22
CA GLN B 237 -4.06 -1.27 -26.02
C GLN B 237 -3.21 -1.28 -24.74
N ILE B 238 -1.89 -1.42 -24.90
CA ILE B 238 -0.97 -1.22 -23.79
C ILE B 238 -0.93 0.27 -23.43
N ILE B 239 -0.76 1.08 -24.47
CA ILE B 239 -0.66 2.53 -24.32
C ILE B 239 -1.96 3.12 -23.77
N ALA B 240 -3.05 2.38 -23.92
CA ALA B 240 -4.34 2.77 -23.36
C ALA B 240 -4.32 2.78 -21.83
N THR B 241 -3.46 1.98 -21.23
CA THR B 241 -3.43 1.86 -19.78
C THR B 241 -2.37 2.76 -19.12
N ILE B 242 -1.64 3.51 -19.94
CA ILE B 242 -0.62 4.42 -19.45
C ILE B 242 -1.12 5.86 -19.51
N PRO B 243 -1.40 6.44 -18.33
CA PRO B 243 -1.96 7.81 -18.24
C PRO B 243 -1.24 8.84 -19.11
N VAL B 244 0.07 8.73 -19.29
CA VAL B 244 0.79 9.72 -20.07
C VAL B 244 0.79 9.46 -21.59
N GLY B 245 0.24 8.33 -22.01
CA GLY B 245 0.01 8.07 -23.43
C GLY B 245 1.18 7.50 -24.23
N HIS B 246 2.20 6.99 -23.55
CA HIS B 246 3.34 6.39 -24.24
C HIS B 246 4.12 5.52 -23.29
N MET B 247 4.80 4.52 -23.84
CA MET B 247 5.66 3.68 -23.02
C MET B 247 6.94 4.44 -22.64
N GLY B 248 7.63 3.94 -21.62
CA GLY B 248 8.90 4.51 -21.20
C GLY B 248 10.05 4.00 -22.04
N GLN B 249 11.24 4.55 -21.80
CA GLN B 249 12.45 4.06 -22.45
C GLN B 249 13.30 3.26 -21.46
N PRO B 250 14.21 2.39 -21.96
CA PRO B 250 15.04 1.62 -21.03
C PRO B 250 15.91 2.50 -20.11
N GLN B 251 16.45 3.58 -20.65
CA GLN B 251 17.28 4.49 -19.85
C GLN B 251 16.52 5.17 -18.69
N ASP B 252 15.20 5.23 -18.80
CA ASP B 252 14.36 5.72 -17.70
C ASP B 252 14.60 4.88 -16.45
N ILE B 253 14.77 3.57 -16.64
CA ILE B 253 15.02 2.69 -15.53
C ILE B 253 16.47 2.83 -15.06
N GLY B 254 17.37 3.11 -16.00
CA GLY B 254 18.77 3.28 -15.67
C GLY B 254 19.05 4.49 -14.81
N GLU B 255 18.37 5.61 -15.11
CA GLU B 255 18.51 6.83 -14.30
C GLU B 255 18.16 6.62 -12.83
N VAL B 256 17.05 5.94 -12.57
CA VAL B 256 16.70 5.66 -11.18
C VAL B 256 17.68 4.66 -10.55
N CYS B 257 18.27 3.80 -11.38
CA CYS B 257 19.26 2.84 -10.87
C CYS B 257 20.63 3.50 -10.61
N VAL B 258 20.96 4.53 -11.39
CA VAL B 258 22.16 5.29 -11.08
C VAL B 258 22.01 5.88 -9.68
N TYR B 259 20.88 6.53 -9.44
CA TYR B 259 20.60 7.10 -8.15
C TYR B 259 20.72 6.03 -7.05
N LEU B 260 20.05 4.90 -7.24
CA LEU B 260 20.07 3.87 -6.20
C LEU B 260 21.45 3.24 -6.01
N GLY B 261 22.25 3.20 -7.07
CA GLY B 261 23.59 2.63 -7.00
C GLY B 261 24.64 3.53 -6.35
N SER B 262 24.52 4.83 -6.56
CA SER B 262 25.48 5.77 -6.02
C SER B 262 25.27 6.00 -4.53
N ASP B 263 26.15 6.79 -3.94
CA ASP B 263 26.04 7.16 -2.53
C ASP B 263 25.09 8.33 -2.33
N GLU B 264 24.58 8.88 -3.44
CA GLU B 264 23.50 9.86 -3.41
C GLU B 264 22.29 9.30 -2.65
N SER B 265 22.15 7.97 -2.64
CA SER B 265 20.99 7.32 -2.00
C SER B 265 21.31 6.56 -0.71
N ARG B 266 22.39 6.96 -0.04
CA ARG B 266 22.85 6.27 1.17
C ARG B 266 21.77 6.09 2.26
N PHE B 267 20.73 6.91 2.22
CA PHE B 267 19.67 6.82 3.23
C PHE B 267 18.40 6.20 2.59
N ALA B 268 18.46 5.86 1.31
CA ALA B 268 17.36 5.13 0.69
C ALA B 268 17.50 3.62 0.96
N ASN B 269 16.60 3.07 1.76
CA ASN B 269 16.70 1.64 2.11
C ASN B 269 15.34 0.97 2.27
N GLY B 270 15.23 -0.25 1.75
CA GLY B 270 14.01 -1.03 1.86
C GLY B 270 12.79 -0.40 1.19
N ALA B 271 13.04 0.50 0.23
CA ALA B 271 11.99 1.30 -0.38
C ALA B 271 11.68 0.85 -1.80
N GLU B 272 10.56 1.34 -2.33
CA GLU B 272 10.09 0.98 -3.65
C GLU B 272 10.08 2.20 -4.58
N PHE B 273 10.63 2.03 -5.77
CA PHE B 273 10.82 3.14 -6.66
C PHE B 273 10.10 2.86 -7.98
N THR B 274 8.99 3.57 -8.20
CA THR B 274 8.12 3.26 -9.32
C THR B 274 8.24 4.28 -10.43
N VAL B 275 8.52 3.80 -11.64
CA VAL B 275 8.68 4.62 -12.84
C VAL B 275 7.77 4.04 -13.95
N ASP B 276 6.50 4.43 -13.97
CA ASP B 276 5.52 3.69 -14.77
C ASP B 276 4.57 4.59 -15.53
N GLY B 277 4.97 5.85 -15.72
CA GLY B 277 4.14 6.84 -16.38
C GLY B 277 2.76 7.03 -15.76
N GLY B 278 2.65 6.77 -14.45
CA GLY B 278 1.40 6.91 -13.73
C GLY B 278 0.52 5.68 -13.80
N GLN B 279 1.09 4.56 -14.26
CA GLN B 279 0.28 3.36 -14.47
C GLN B 279 -0.53 2.88 -13.26
N ARG B 280 0.09 2.81 -12.08
CA ARG B 280 -0.67 2.38 -10.92
C ARG B 280 -1.02 3.52 -9.97
N ALA B 281 -0.95 4.75 -10.45
CA ALA B 281 -1.36 5.89 -9.63
C ALA B 281 -2.86 5.84 -9.29
N THR C 34 26.69 19.72 -18.23
CA THR C 34 26.73 18.56 -17.34
C THR C 34 26.07 18.78 -15.98
N ASP C 35 25.40 19.92 -15.78
CA ASP C 35 24.67 20.15 -14.54
C ASP C 35 23.22 19.71 -14.71
N ARG C 36 22.77 18.90 -13.76
CA ARG C 36 21.53 18.15 -13.93
C ARG C 36 20.23 18.96 -13.90
N LEU C 37 20.27 20.17 -13.34
CA LEU C 37 19.08 21.01 -13.35
C LEU C 37 19.37 22.30 -14.11
N LYS C 38 20.20 22.21 -15.15
CA LYS C 38 20.68 23.41 -15.84
C LYS C 38 19.51 24.23 -16.42
N ASP C 39 19.49 25.52 -16.06
CA ASP C 39 18.49 26.49 -16.53
C ASP C 39 17.12 26.34 -15.91
N LYS C 40 16.94 25.34 -15.05
CA LYS C 40 15.65 25.13 -14.41
C LYS C 40 15.39 26.20 -13.35
N VAL C 41 14.13 26.60 -13.22
CA VAL C 41 13.77 27.46 -12.11
C VAL C 41 12.87 26.69 -11.16
N ALA C 42 13.25 26.71 -9.88
CA ALA C 42 12.50 25.97 -8.88
C ALA C 42 12.05 26.86 -7.71
N ILE C 43 10.81 26.64 -7.30
CA ILE C 43 10.30 27.26 -6.09
C ILE C 43 10.33 26.19 -5.00
N ILE C 44 10.84 26.56 -3.83
CA ILE C 44 10.96 25.62 -2.73
C ILE C 44 10.43 26.24 -1.47
N THR C 45 9.27 25.75 -1.01
CA THR C 45 8.64 26.32 0.18
C THR C 45 9.28 25.72 1.42
N GLY C 46 9.38 26.52 2.48
CA GLY C 46 10.11 26.11 3.67
C GLY C 46 11.54 25.79 3.30
N GLY C 47 12.14 26.64 2.46
CA GLY C 47 13.41 26.31 1.83
C GLY C 47 14.64 27.00 2.38
N VAL C 48 14.54 27.50 3.59
CA VAL C 48 15.57 28.36 4.14
C VAL C 48 16.25 27.71 5.36
N ALA C 49 15.75 26.55 5.77
CA ALA C 49 16.35 25.84 6.90
C ALA C 49 16.07 24.35 6.76
N GLY C 50 16.86 23.56 7.49
CA GLY C 50 16.66 22.13 7.58
C GLY C 50 16.60 21.41 6.24
N ILE C 51 15.57 20.61 6.06
CA ILE C 51 15.42 19.80 4.86
C ILE C 51 15.30 20.66 3.60
N GLY C 52 14.41 21.65 3.62
CA GLY C 52 14.24 22.56 2.50
C GLY C 52 15.54 23.21 2.02
N LEU C 53 16.40 23.57 2.97
CA LEU C 53 17.64 24.21 2.64
C LEU C 53 18.56 23.20 1.95
N GLY C 54 18.51 21.96 2.40
CA GLY C 54 19.22 20.87 1.76
C GLY C 54 18.81 20.69 0.30
N ILE C 55 17.51 20.79 0.04
CA ILE C 55 17.02 20.68 -1.33
C ILE C 55 17.52 21.86 -2.16
N ALA C 56 17.43 23.05 -1.60
CA ALA C 56 17.94 24.26 -2.23
C ALA C 56 19.44 24.16 -2.56
N GLU C 57 20.22 23.64 -1.62
CA GLU C 57 21.66 23.45 -1.83
C GLU C 57 21.95 22.52 -3.02
N CYS C 58 21.26 21.38 -3.06
CA CYS C 58 21.43 20.41 -4.13
C CYS C 58 21.03 21.01 -5.46
N TYR C 59 19.90 21.73 -5.44
CA TYR C 59 19.38 22.36 -6.65
C TYR C 59 20.36 23.38 -7.25
N VAL C 60 20.87 24.31 -6.42
CA VAL C 60 21.83 25.32 -6.89
C VAL C 60 23.13 24.64 -7.38
N ARG C 61 23.56 23.62 -6.67
CA ARG C 61 24.73 22.86 -7.10
C ARG C 61 24.53 22.35 -8.52
N GLU C 62 23.30 21.97 -8.85
CA GLU C 62 23.00 21.36 -10.14
C GLU C 62 22.55 22.36 -11.20
N GLY C 63 22.79 23.64 -10.96
CA GLY C 63 22.64 24.64 -11.99
C GLY C 63 21.29 25.30 -12.01
N ALA C 64 20.44 24.98 -11.04
CA ALA C 64 19.10 25.53 -11.00
C ALA C 64 19.08 26.93 -10.36
N LYS C 65 18.09 27.73 -10.73
CA LYS C 65 17.82 28.95 -10.01
C LYS C 65 16.71 28.65 -9.00
N VAL C 66 16.84 29.18 -7.79
CA VAL C 66 15.88 28.80 -6.76
C VAL C 66 15.22 29.99 -6.12
N VAL C 67 13.93 29.84 -5.86
CA VAL C 67 13.21 30.79 -5.07
C VAL C 67 12.83 30.06 -3.79
N VAL C 68 13.42 30.45 -2.67
CA VAL C 68 13.08 29.81 -1.40
C VAL C 68 12.14 30.69 -0.58
N THR C 69 11.24 30.04 0.13
CA THR C 69 10.25 30.79 0.88
C THR C 69 10.16 30.35 2.33
N ALA C 70 9.63 31.22 3.17
CA ALA C 70 9.43 30.94 4.59
C ALA C 70 8.39 31.89 5.12
N ASN C 71 7.67 31.47 6.15
CA ASN C 71 6.65 32.29 6.73
C ASN C 71 7.23 33.31 7.72
N HIS C 72 7.85 32.82 8.78
CA HIS C 72 8.38 33.68 9.83
C HIS C 72 9.91 33.88 9.74
N ASN C 73 10.61 32.86 9.24
CA ASN C 73 12.07 32.86 9.21
C ASN C 73 12.68 33.72 8.09
N VAL C 74 12.48 35.03 8.18
CA VAL C 74 12.94 35.93 7.14
C VAL C 74 14.45 36.08 7.19
N ASP C 75 15.01 36.02 8.39
CA ASP C 75 16.47 36.10 8.52
C ASP C 75 17.18 34.95 7.80
N GLY C 76 16.62 33.74 7.94
CA GLY C 76 17.15 32.55 7.27
C GLY C 76 17.04 32.68 5.76
N GLY C 77 15.93 33.25 5.31
CA GLY C 77 15.72 33.50 3.90
C GLY C 77 16.78 34.39 3.29
N ARG C 78 17.08 35.51 3.95
CA ARG C 78 18.12 36.40 3.48
C ARG C 78 19.48 35.72 3.52
N ALA C 79 19.74 34.94 4.57
CA ALA C 79 20.99 34.19 4.67
C ALA C 79 21.20 33.26 3.48
N ALA C 80 20.16 32.50 3.12
CA ALA C 80 20.24 31.54 2.03
C ALA C 80 20.55 32.22 0.71
N VAL C 81 19.84 33.31 0.41
CA VAL C 81 20.08 34.05 -0.82
C VAL C 81 21.52 34.58 -0.87
N ALA C 82 21.99 35.07 0.27
CA ALA C 82 23.35 35.58 0.37
C ALA C 82 24.36 34.47 0.13
N LYS C 83 24.12 33.33 0.77
CA LYS C 83 24.97 32.15 0.58
C LYS C 83 25.03 31.72 -0.88
N PHE C 84 23.87 31.58 -1.52
CA PHE C 84 23.82 31.12 -2.91
C PHE C 84 24.26 32.19 -3.91
N GLY C 85 23.97 33.46 -3.61
CA GLY C 85 24.19 34.54 -4.55
C GLY C 85 22.85 34.95 -5.15
N ASP C 86 22.58 36.24 -5.20
CA ASP C 86 21.26 36.66 -5.68
C ASP C 86 21.12 36.62 -7.20
N ASP C 87 22.16 36.17 -7.90
CA ASP C 87 22.01 35.94 -9.33
C ASP C 87 21.40 34.57 -9.63
N VAL C 88 21.39 33.68 -8.63
CA VAL C 88 20.78 32.36 -8.85
C VAL C 88 19.69 32.05 -7.83
N SER C 89 19.40 32.98 -6.93
CA SER C 89 18.39 32.73 -5.90
C SER C 89 17.65 33.99 -5.49
N LEU C 90 16.49 33.78 -4.87
CA LEU C 90 15.59 34.85 -4.47
C LEU C 90 14.84 34.33 -3.25
N PHE C 91 14.52 35.22 -2.33
CA PHE C 91 13.72 34.82 -1.17
C PHE C 91 12.40 35.55 -1.20
N VAL C 92 11.30 34.83 -0.94
CA VAL C 92 10.00 35.48 -0.79
C VAL C 92 9.36 35.02 0.50
N GLN C 93 8.90 35.94 1.31
CA GLN C 93 8.15 35.60 2.52
C GLN C 93 6.81 35.01 2.06
N GLN C 94 6.36 33.94 2.70
CA GLN C 94 5.16 33.24 2.25
C GLN C 94 4.55 32.37 3.35
N ASP C 95 3.25 32.55 3.55
CA ASP C 95 2.42 31.63 4.32
C ASP C 95 1.73 30.73 3.30
N VAL C 96 2.16 29.47 3.21
CA VAL C 96 1.71 28.56 2.14
C VAL C 96 0.22 28.25 2.22
N SER C 97 -0.39 28.49 3.37
CA SER C 97 -1.83 28.33 3.50
C SER C 97 -2.61 29.47 2.81
N LYS C 98 -1.91 30.50 2.37
CA LYS C 98 -2.58 31.68 1.85
C LYS C 98 -2.59 31.72 0.33
N GLU C 99 -3.78 31.68 -0.26
CA GLU C 99 -3.93 31.74 -1.71
C GLU C 99 -3.18 32.93 -2.33
N ALA C 100 -3.29 34.08 -1.66
CA ALA C 100 -2.70 35.32 -2.16
C ALA C 100 -1.17 35.31 -2.16
N ASP C 101 -0.60 34.69 -1.13
CA ASP C 101 0.85 34.57 -1.02
C ASP C 101 1.42 33.71 -2.15
N TRP C 102 0.60 32.77 -2.62
CA TRP C 102 1.01 31.92 -3.73
C TRP C 102 1.18 32.75 -5.01
N GLN C 103 0.21 33.63 -5.28
CA GLN C 103 0.29 34.54 -6.42
C GLN C 103 1.54 35.42 -6.27
N LYS C 104 1.74 35.92 -5.05
CA LYS C 104 2.91 36.73 -4.72
C LYS C 104 4.20 36.00 -5.10
N VAL C 105 4.34 34.77 -4.66
CA VAL C 105 5.55 33.98 -4.98
C VAL C 105 5.70 33.74 -6.49
N ILE C 106 4.62 33.32 -7.15
CA ILE C 106 4.65 33.13 -8.60
C ILE C 106 5.09 34.42 -9.31
N ASP C 107 4.40 35.52 -9.01
CA ASP C 107 4.72 36.84 -9.55
C ASP C 107 6.18 37.22 -9.36
N ALA C 108 6.72 37.01 -8.16
CA ALA C 108 8.12 37.34 -7.89
C ALA C 108 9.08 36.45 -8.67
N THR C 109 8.74 35.18 -8.78
CA THR C 109 9.58 34.22 -9.48
C THR C 109 9.68 34.57 -10.95
N ILE C 110 8.54 34.83 -11.59
CA ILE C 110 8.57 35.16 -12.99
C ILE C 110 9.25 36.51 -13.21
N ALA C 111 8.94 37.49 -12.36
CA ALA C 111 9.63 38.78 -12.41
C ALA C 111 11.15 38.63 -12.42
N LYS C 112 11.67 37.74 -11.58
CA LYS C 112 13.11 37.60 -11.42
C LYS C 112 13.74 36.58 -12.37
N PHE C 113 13.10 35.42 -12.54
CA PHE C 113 13.74 34.36 -13.32
C PHE C 113 13.04 34.02 -14.63
N GLY C 114 11.87 34.60 -14.87
CA GLY C 114 11.21 34.46 -16.15
C GLY C 114 10.32 33.24 -16.35
N ARG C 115 10.42 32.26 -15.47
CA ARG C 115 9.67 31.03 -15.66
C ARG C 115 9.62 30.23 -14.38
N VAL C 116 8.78 29.18 -14.38
CA VAL C 116 8.70 28.21 -13.30
C VAL C 116 8.72 26.79 -13.86
N ASP C 117 9.74 26.02 -13.52
CA ASP C 117 9.90 24.64 -14.02
C ASP C 117 9.60 23.60 -12.94
N ILE C 118 9.89 23.94 -11.69
CA ILE C 118 9.71 23.00 -10.60
C ILE C 118 9.04 23.63 -9.37
N LEU C 119 8.12 22.90 -8.77
CA LEU C 119 7.67 23.28 -7.44
C LEU C 119 7.99 22.19 -6.44
N VAL C 120 8.65 22.58 -5.36
CA VAL C 120 8.80 21.69 -4.22
C VAL C 120 8.00 22.18 -3.02
N ASN C 121 6.88 21.49 -2.77
CA ASN C 121 6.05 21.76 -1.61
C ASN C 121 6.67 21.12 -0.38
N ASN C 122 7.49 21.90 0.30
CA ASN C 122 8.20 21.38 1.46
C ASN C 122 7.73 21.94 2.79
N ALA C 123 7.02 23.05 2.77
CA ALA C 123 6.50 23.66 4.00
C ALA C 123 5.60 22.67 4.75
N GLY C 124 5.55 22.77 6.07
CA GLY C 124 4.80 21.79 6.85
C GLY C 124 4.98 21.88 8.35
N ILE C 125 3.96 21.39 9.07
CA ILE C 125 3.97 21.32 10.51
C ILE C 125 4.14 19.86 10.92
N GLY C 126 4.88 19.62 11.99
CA GLY C 126 5.00 18.28 12.53
C GLY C 126 3.79 17.96 13.39
N GLY C 127 3.79 16.76 13.99
CA GLY C 127 2.69 16.32 14.82
C GLY C 127 2.87 16.52 16.33
N VAL C 128 1.80 16.24 17.07
CA VAL C 128 1.79 16.35 18.53
C VAL C 128 1.12 15.10 19.09
N ASN C 129 1.23 14.86 20.38
CA ASN C 129 0.69 13.64 20.97
C ASN C 129 -0.63 13.84 21.71
N THR C 130 -1.29 14.95 21.40
CA THR C 130 -2.61 15.30 21.94
C THR C 130 -3.61 14.15 21.74
N ALA C 131 -4.46 13.90 22.73
CA ALA C 131 -5.53 12.91 22.60
C ALA C 131 -6.51 13.39 21.52
N ILE C 132 -6.89 12.46 20.63
CA ILE C 132 -7.84 12.77 19.54
C ILE C 132 -9.08 13.53 20.01
N GLU C 133 -9.72 13.05 21.08
CA GLU C 133 -10.97 13.65 21.55
C GLU C 133 -10.77 15.02 22.25
N ASP C 134 -9.51 15.39 22.49
CA ASP C 134 -9.21 16.68 23.10
C ASP C 134 -8.73 17.71 22.08
N LEU C 135 -8.56 17.28 20.84
CA LEU C 135 -8.06 18.16 19.80
C LEU C 135 -9.13 19.18 19.40
N ASP C 136 -8.77 20.47 19.48
CA ASP C 136 -9.67 21.53 19.02
C ASP C 136 -9.71 21.61 17.50
N LEU C 137 -10.90 21.92 16.98
CA LEU C 137 -11.12 22.09 15.56
C LEU C 137 -10.11 23.07 14.95
N ALA C 138 -9.84 24.16 15.66
CA ALA C 138 -8.89 25.16 15.19
C ALA C 138 -7.48 24.58 15.05
N ASP C 139 -7.11 23.64 15.90
CA ASP C 139 -5.78 23.03 15.82
C ASP C 139 -5.74 22.02 14.67
N TRP C 140 -6.80 21.22 14.57
CA TRP C 140 -7.01 20.34 13.42
C TRP C 140 -6.94 21.14 12.12
N GLN C 141 -7.68 22.24 12.07
CA GLN C 141 -7.84 22.98 10.82
C GLN C 141 -6.51 23.54 10.38
N LYS C 142 -5.74 24.02 11.33
CA LYS C 142 -4.42 24.60 11.06
C LYS C 142 -3.52 23.64 10.29
N VAL C 143 -3.52 22.38 10.69
CA VAL C 143 -2.64 21.39 10.09
C VAL C 143 -3.11 21.02 8.68
N ILE C 144 -4.41 20.77 8.55
CA ILE C 144 -5.04 20.59 7.25
C ILE C 144 -4.70 21.75 6.30
N ASP C 145 -4.82 22.98 6.79
CA ASP C 145 -4.54 24.16 5.97
C ASP C 145 -3.10 24.17 5.47
N VAL C 146 -2.18 23.82 6.35
CA VAL C 146 -0.77 23.93 6.02
C VAL C 146 -0.23 22.67 5.33
N ASN C 147 -0.66 21.49 5.76
CA ASN C 147 -0.04 20.26 5.30
C ASN C 147 -0.79 19.59 4.15
N LEU C 148 -2.01 20.05 3.89
CA LEU C 148 -2.80 19.46 2.83
C LEU C 148 -3.27 20.50 1.84
N THR C 149 -4.06 21.46 2.31
CA THR C 149 -4.65 22.46 1.44
C THR C 149 -3.59 23.33 0.75
N ALA C 150 -2.52 23.63 1.46
CA ALA C 150 -1.39 24.37 0.88
C ALA C 150 -0.77 23.66 -0.33
N ASN C 151 -0.66 22.33 -0.28
CA ASN C 151 -0.14 21.56 -1.40
C ASN C 151 -1.03 21.75 -2.60
N PHE C 152 -2.34 21.73 -2.37
CA PHE C 152 -3.30 21.97 -3.45
C PHE C 152 -3.12 23.36 -4.07
N LEU C 153 -3.05 24.38 -3.22
CA LEU C 153 -2.84 25.77 -3.64
C LEU C 153 -1.53 25.96 -4.42
N GLY C 154 -0.45 25.36 -3.92
CA GLY C 154 0.81 25.36 -4.64
C GLY C 154 0.72 24.64 -5.97
N GLU C 155 0.06 23.49 -6.01
CA GLU C 155 -0.03 22.76 -7.26
C GLU C 155 -0.74 23.63 -8.29
N LYS C 156 -1.84 24.21 -7.84
CA LYS C 156 -2.69 25.05 -8.69
C LYS C 156 -1.90 26.21 -9.27
N ALA C 157 -1.21 26.94 -8.40
CA ALA C 157 -0.41 28.08 -8.82
C ALA C 157 0.75 27.67 -9.75
N ALA C 158 1.42 26.57 -9.40
CA ALA C 158 2.57 26.15 -10.18
C ALA C 158 2.16 25.68 -11.57
N ILE C 159 1.05 24.96 -11.67
CA ILE C 159 0.61 24.46 -12.97
C ILE C 159 0.26 25.62 -13.93
N LYS C 160 -0.50 26.60 -13.43
CA LYS C 160 -0.77 27.81 -14.21
C LYS C 160 0.53 28.44 -14.70
N ALA C 161 1.50 28.59 -13.82
CA ALA C 161 2.76 29.23 -14.20
C ALA C 161 3.55 28.41 -15.22
N MET C 162 3.56 27.09 -15.06
CA MET C 162 4.25 26.21 -16.01
C MET C 162 3.59 26.29 -17.40
N LYS C 163 2.27 26.30 -17.44
CA LYS C 163 1.56 26.43 -18.71
C LYS C 163 1.92 27.72 -19.43
N GLN C 164 2.04 28.79 -18.65
CA GLN C 164 2.23 30.13 -19.19
C GLN C 164 3.68 30.44 -19.58
N THR C 165 4.63 29.89 -18.83
CA THR C 165 6.03 30.28 -18.99
C THR C 165 6.99 29.14 -19.36
N ALA C 166 6.53 27.90 -19.23
CA ALA C 166 7.41 26.75 -19.48
C ALA C 166 6.83 25.73 -20.45
N ASP C 167 5.86 26.18 -21.23
CA ASP C 167 5.25 25.34 -22.27
C ASP C 167 4.55 24.10 -21.70
N ALA C 168 3.84 24.30 -20.59
CA ALA C 168 3.13 23.21 -19.91
C ALA C 168 4.01 22.00 -19.63
N LYS C 169 5.29 22.26 -19.35
CA LYS C 169 6.21 21.23 -18.86
C LYS C 169 6.71 21.61 -17.49
N GLY C 170 6.73 20.64 -16.58
CA GLY C 170 7.26 20.87 -15.25
C GLY C 170 7.19 19.68 -14.33
N SER C 171 7.69 19.87 -13.11
CA SER C 171 7.73 18.82 -12.10
C SER C 171 7.34 19.37 -10.74
N ILE C 172 6.37 18.71 -10.10
CA ILE C 172 5.91 19.11 -8.78
C ILE C 172 6.18 18.01 -7.74
N ILE C 173 6.78 18.41 -6.62
CA ILE C 173 7.18 17.48 -5.60
C ILE C 173 6.52 17.83 -4.27
N ASN C 174 5.74 16.88 -3.74
CA ASN C 174 5.03 17.07 -2.46
C ASN C 174 5.74 16.28 -1.36
N VAL C 175 6.45 17.02 -0.50
CA VAL C 175 7.26 16.42 0.54
C VAL C 175 6.47 16.20 1.82
N SER C 176 6.45 14.97 2.34
CA SER C 176 5.85 14.72 3.64
C SER C 176 6.55 13.60 4.42
N SER C 177 7.01 13.90 5.64
CA SER C 177 7.84 12.95 6.35
C SER C 177 7.10 11.69 6.83
N VAL C 178 7.82 10.56 6.81
CA VAL C 178 7.27 9.27 7.22
C VAL C 178 6.57 9.33 8.58
N ALA C 179 7.27 9.87 9.57
CA ALA C 179 6.71 10.07 10.89
C ALA C 179 6.61 11.56 11.21
N GLY C 180 5.48 12.00 11.78
CA GLY C 180 5.37 13.36 12.27
C GLY C 180 5.72 13.45 13.74
N LEU C 181 5.73 12.28 14.39
CA LEU C 181 6.02 12.11 15.82
C LEU C 181 7.02 10.99 15.94
N VAL C 182 7.61 10.84 17.12
CA VAL C 182 8.51 9.72 17.36
C VAL C 182 7.83 8.34 17.27
N GLY C 183 6.94 8.02 18.19
CA GLY C 183 6.43 6.65 18.25
C GLY C 183 5.44 6.25 17.16
N LEU C 184 4.32 5.66 17.60
CA LEU C 184 3.19 5.33 16.73
C LEU C 184 2.64 6.58 16.08
N PRO C 185 2.19 6.46 14.82
CA PRO C 185 1.58 7.63 14.19
C PRO C 185 0.18 7.90 14.76
N ILE C 186 0.13 8.71 15.84
CA ILE C 186 -1.10 8.90 16.61
C ILE C 186 -1.77 10.25 16.40
N ASP C 187 -1.09 11.16 15.70
CA ASP C 187 -1.63 12.48 15.41
C ASP C 187 -2.61 12.40 14.23
N PRO C 188 -3.91 12.53 14.52
CA PRO C 188 -4.95 12.41 13.50
C PRO C 188 -4.86 13.47 12.40
N ALA C 189 -4.50 14.71 12.77
CA ALA C 189 -4.42 15.79 11.80
C ALA C 189 -3.21 15.64 10.90
N TYR C 190 -2.06 15.35 11.52
CA TYR C 190 -0.85 15.09 10.73
C TYR C 190 -1.08 13.92 9.76
N SER C 191 -1.56 12.80 10.28
CA SER C 191 -1.76 11.59 9.46
C SER C 191 -2.77 11.84 8.35
N ALA C 192 -3.87 12.49 8.68
CA ALA C 192 -4.91 12.78 7.69
C ALA C 192 -4.38 13.65 6.56
N SER C 193 -3.58 14.67 6.88
CA SER C 193 -3.08 15.56 5.85
C SER C 193 -2.02 14.88 5.00
N LYS C 194 -1.24 13.99 5.61
CA LYS C 194 -0.25 13.21 4.90
C LYS C 194 -0.94 12.22 3.96
N GLY C 195 -2.03 11.63 4.43
CA GLY C 195 -2.82 10.73 3.61
C GLY C 195 -3.46 11.45 2.43
N GLY C 196 -3.99 12.64 2.70
CA GLY C 196 -4.62 13.44 1.67
C GLY C 196 -3.65 13.92 0.60
N SER C 197 -2.44 14.28 1.01
CA SER C 197 -1.40 14.74 0.07
C SER C 197 -0.92 13.62 -0.84
N ARG C 198 -0.89 12.40 -0.30
CA ARG C 198 -0.52 11.24 -1.08
C ARG C 198 -1.52 11.11 -2.24
N LEU C 199 -2.80 11.13 -1.90
CA LEU C 199 -3.85 10.96 -2.89
C LEU C 199 -3.99 12.17 -3.83
N LEU C 200 -3.81 13.37 -3.28
CA LEU C 200 -3.77 14.57 -4.10
C LEU C 200 -2.67 14.47 -5.15
N THR C 201 -1.52 13.94 -4.77
CA THR C 201 -0.43 13.71 -5.71
C THR C 201 -0.84 12.76 -6.83
N HIS C 202 -1.40 11.61 -6.51
CA HIS C 202 -1.83 10.67 -7.55
C HIS C 202 -2.87 11.33 -8.46
N ALA C 203 -3.94 11.86 -7.86
CA ALA C 203 -5.06 12.38 -8.63
C ALA C 203 -4.68 13.58 -9.52
N THR C 204 -3.79 14.45 -9.02
CA THR C 204 -3.28 15.58 -9.79
C THR C 204 -2.45 15.16 -11.00
N ALA C 205 -1.54 14.21 -10.78
CA ALA C 205 -0.76 13.66 -11.87
C ALA C 205 -1.69 13.15 -12.96
N LEU C 206 -2.73 12.43 -12.53
CA LEU C 206 -3.67 11.82 -13.45
C LEU C 206 -4.55 12.85 -14.16
N ASN C 207 -5.01 13.84 -13.39
CA ASN C 207 -5.85 14.91 -13.90
C ASN C 207 -5.16 15.63 -15.05
N LEU C 208 -3.85 15.86 -14.90
CA LEU C 208 -3.02 16.49 -15.91
C LEU C 208 -2.71 15.56 -17.09
N ALA C 209 -2.28 14.34 -16.78
CA ALA C 209 -1.91 13.37 -17.81
C ALA C 209 -3.06 13.12 -18.80
N GLN C 210 -4.28 13.08 -18.29
CA GLN C 210 -5.46 12.88 -19.11
C GLN C 210 -5.68 14.01 -20.12
N ARG C 211 -5.09 15.17 -19.85
CA ARG C 211 -5.22 16.31 -20.75
C ARG C 211 -3.95 16.49 -21.58
N GLY C 212 -3.09 15.47 -21.58
CA GLY C 212 -1.84 15.52 -22.33
C GLY C 212 -0.89 16.60 -21.87
N ILE C 213 -0.98 16.97 -20.59
CA ILE C 213 -0.11 18.00 -20.01
C ILE C 213 1.06 17.35 -19.26
N ASP C 214 2.27 17.67 -19.71
CA ASP C 214 3.50 17.05 -19.20
C ASP C 214 4.03 17.73 -17.93
N ILE C 215 3.16 17.87 -16.94
CA ILE C 215 3.55 18.28 -15.60
C ILE C 215 3.49 17.04 -14.72
N ARG C 216 4.62 16.62 -14.17
CA ARG C 216 4.62 15.44 -13.33
C ARG C 216 4.43 15.83 -11.88
N VAL C 217 3.68 15.03 -11.13
CA VAL C 217 3.51 15.24 -9.70
C VAL C 217 3.93 13.97 -8.95
N ASN C 218 4.81 14.14 -7.99
CA ASN C 218 5.31 13.00 -7.20
C ASN C 218 5.47 13.41 -5.76
N SER C 219 5.49 12.43 -4.88
CA SER C 219 5.73 12.74 -3.49
C SER C 219 7.05 12.16 -2.98
N VAL C 220 7.61 12.82 -1.98
CA VAL C 220 8.89 12.45 -1.39
C VAL C 220 8.65 12.33 0.10
N HIS C 221 9.13 11.25 0.70
CA HIS C 221 8.87 11.01 2.10
C HIS C 221 10.16 10.84 2.90
N PRO C 222 10.60 11.93 3.54
CA PRO C 222 11.80 11.92 4.36
C PRO C 222 11.58 11.16 5.64
N GLY C 223 12.57 10.39 6.04
CA GLY C 223 12.61 9.86 7.39
C GLY C 223 13.22 10.92 8.29
N TRP C 224 13.73 10.50 9.44
CA TRP C 224 14.33 11.43 10.39
C TRP C 224 15.64 12.00 9.89
N ILE C 225 15.66 13.32 9.78
CA ILE C 225 16.80 14.06 9.25
C ILE C 225 17.39 14.91 10.36
N ASP C 226 18.71 14.78 10.54
CA ASP C 226 19.42 15.43 11.62
C ASP C 226 19.60 16.92 11.31
N THR C 227 18.69 17.75 11.81
CA THR C 227 18.70 19.17 11.44
C THR C 227 18.87 20.09 12.63
N SER C 228 18.66 19.60 13.85
CA SER C 228 18.75 20.50 14.98
C SER C 228 19.36 19.86 16.24
N ILE C 229 19.75 20.70 17.18
CA ILE C 229 20.27 20.24 18.45
C ILE C 229 19.11 19.68 19.22
N ILE C 230 19.25 18.43 19.67
CA ILE C 230 18.19 17.83 20.47
C ILE C 230 18.81 17.10 21.64
N PRO C 231 18.01 16.88 22.70
CA PRO C 231 18.54 16.16 23.87
C PRO C 231 18.83 14.72 23.50
N GLU C 232 19.73 14.08 24.22
CA GLU C 232 20.22 12.76 23.85
C GLU C 232 19.19 11.65 24.05
N ASP C 233 18.31 11.82 25.03
CA ASP C 233 17.24 10.87 25.23
C ASP C 233 16.19 10.95 24.11
N LEU C 234 15.90 12.15 23.61
CA LEU C 234 15.07 12.27 22.42
C LEU C 234 15.74 11.60 21.21
N ARG C 235 17.02 11.87 21.00
CA ARG C 235 17.78 11.26 19.90
C ARG C 235 17.75 9.74 19.99
N LYS C 236 17.93 9.22 21.21
CA LYS C 236 17.88 7.78 21.44
C LYS C 236 16.54 7.20 21.00
N GLN C 237 15.44 7.79 21.43
CA GLN C 237 14.11 7.33 21.03
C GLN C 237 13.94 7.37 19.52
N ILE C 238 14.36 8.46 18.89
CA ILE C 238 14.28 8.61 17.45
C ILE C 238 15.07 7.53 16.70
N ILE C 239 16.33 7.32 17.09
CA ILE C 239 17.18 6.36 16.38
C ILE C 239 16.67 4.92 16.56
N ALA C 240 16.05 4.67 17.70
CA ALA C 240 15.42 3.38 17.98
C ALA C 240 14.44 2.95 16.87
N THR C 241 13.85 3.91 16.18
CA THR C 241 12.86 3.62 15.14
C THR C 241 13.46 3.58 13.73
N ILE C 242 14.76 3.85 13.62
CA ILE C 242 15.43 3.83 12.32
C ILE C 242 16.34 2.60 12.21
N PRO C 243 16.02 1.69 11.28
CA PRO C 243 16.73 0.39 11.20
C PRO C 243 18.23 0.52 10.99
N VAL C 244 18.66 1.44 10.13
CA VAL C 244 20.10 1.65 9.91
C VAL C 244 20.81 2.29 11.12
N GLY C 245 20.06 2.70 12.13
CA GLY C 245 20.66 3.19 13.38
C GLY C 245 21.22 4.61 13.38
N HIS C 246 20.76 5.45 12.45
CA HIS C 246 21.17 6.84 12.40
C HIS C 246 20.20 7.68 11.56
N MET C 247 20.17 8.97 11.83
CA MET C 247 19.36 9.92 11.08
C MET C 247 20.03 10.17 9.73
N GLY C 248 19.27 10.68 8.77
CA GLY C 248 19.84 11.14 7.50
C GLY C 248 20.29 12.59 7.54
N GLN C 249 20.72 13.10 6.40
CA GLN C 249 21.19 14.48 6.29
C GLN C 249 20.29 15.20 5.29
N PRO C 250 20.19 16.53 5.39
CA PRO C 250 19.28 17.24 4.48
C PRO C 250 19.53 16.95 3.00
N GLN C 251 20.78 16.79 2.60
CA GLN C 251 21.06 16.56 1.18
C GLN C 251 20.69 15.16 0.69
N ASP C 252 20.35 14.26 1.62
CA ASP C 252 19.79 12.98 1.23
C ASP C 252 18.46 13.25 0.55
N ILE C 253 17.70 14.20 1.11
CA ILE C 253 16.39 14.54 0.53
C ILE C 253 16.58 15.32 -0.77
N GLY C 254 17.54 16.24 -0.78
CA GLY C 254 17.86 17.01 -1.96
C GLY C 254 18.25 16.19 -3.18
N GLU C 255 19.00 15.11 -2.98
CA GLU C 255 19.39 14.24 -4.09
C GLU C 255 18.20 13.61 -4.79
N VAL C 256 17.26 13.05 -4.03
CA VAL C 256 16.09 12.46 -4.67
C VAL C 256 15.26 13.54 -5.35
N CYS C 257 15.22 14.73 -4.76
CA CYS C 257 14.53 15.85 -5.37
C CYS C 257 15.21 16.32 -6.66
N VAL C 258 16.53 16.20 -6.73
CA VAL C 258 17.21 16.51 -7.98
C VAL C 258 16.76 15.57 -9.10
N TYR C 259 16.74 14.27 -8.80
CA TYR C 259 16.24 13.27 -9.71
C TYR C 259 14.83 13.59 -10.22
N LEU C 260 13.90 13.81 -9.28
CA LEU C 260 12.51 14.11 -9.64
C LEU C 260 12.32 15.42 -10.41
N GLY C 261 13.17 16.40 -10.14
CA GLY C 261 13.01 17.70 -10.75
C GLY C 261 13.59 17.77 -12.16
N SER C 262 14.48 16.84 -12.48
CA SER C 262 15.14 16.82 -13.79
C SER C 262 14.40 15.90 -14.76
N ASP C 263 14.86 15.92 -16.02
CA ASP C 263 14.32 15.06 -17.08
C ASP C 263 14.76 13.59 -17.01
N GLU C 264 15.67 13.29 -16.08
CA GLU C 264 16.05 11.91 -15.78
C GLU C 264 14.84 11.10 -15.31
N SER C 265 13.79 11.80 -14.88
CA SER C 265 12.63 11.14 -14.28
C SER C 265 11.35 11.39 -15.09
N ARG C 266 11.52 11.66 -16.37
CA ARG C 266 10.41 12.01 -17.27
C ARG C 266 9.25 11.02 -17.31
N PHE C 267 9.51 9.77 -16.92
CA PHE C 267 8.48 8.74 -16.96
C PHE C 267 8.07 8.43 -15.53
N ALA C 268 8.59 9.20 -14.57
CA ALA C 268 8.21 9.01 -13.17
C ALA C 268 7.07 9.95 -12.82
N ASN C 269 5.95 9.38 -12.45
CA ASN C 269 4.77 10.20 -12.28
C ASN C 269 3.75 9.55 -11.36
N GLY C 270 3.14 10.38 -10.52
CA GLY C 270 2.15 9.91 -9.56
C GLY C 270 2.74 8.91 -8.60
N ALA C 271 4.03 9.06 -8.28
CA ALA C 271 4.75 8.05 -7.50
C ALA C 271 5.32 8.59 -6.19
N GLU C 272 5.69 7.69 -5.29
CA GLU C 272 6.16 8.07 -3.96
C GLU C 272 7.56 7.55 -3.71
N PHE C 273 8.44 8.48 -3.37
CA PHE C 273 9.86 8.19 -3.17
C PHE C 273 10.23 8.40 -1.72
N THR C 274 10.60 7.30 -1.08
CA THR C 274 10.85 7.29 0.36
C THR C 274 12.33 7.15 0.69
N VAL C 275 12.85 8.10 1.45
CA VAL C 275 14.26 8.13 1.82
C VAL C 275 14.37 8.20 3.34
N ASP C 276 14.37 7.03 3.99
CA ASP C 276 14.10 6.98 5.42
C ASP C 276 14.92 6.01 6.25
N GLY C 277 16.00 5.47 5.69
CA GLY C 277 16.82 4.51 6.40
C GLY C 277 16.06 3.25 6.80
N GLY C 278 14.99 2.96 6.05
CA GLY C 278 14.21 1.76 6.23
C GLY C 278 13.14 1.89 7.30
N GLN C 279 12.86 3.12 7.69
CA GLN C 279 11.93 3.38 8.77
C GLN C 279 10.55 2.70 8.60
N ARG C 280 9.93 2.80 7.44
CA ARG C 280 8.65 2.09 7.25
C ARG C 280 8.75 0.83 6.38
N ALA C 281 9.95 0.27 6.25
CA ALA C 281 10.13 -0.96 5.49
C ALA C 281 9.36 -2.12 6.14
N THR D 34 -30.81 -14.16 14.83
CA THR D 34 -29.64 -13.38 14.49
C THR D 34 -29.19 -12.48 15.65
N ASP D 35 -29.56 -11.21 15.58
CA ASP D 35 -29.15 -10.23 16.58
C ASP D 35 -27.63 -10.20 16.78
N ARG D 36 -26.89 -10.02 15.70
CA ARG D 36 -25.44 -9.85 15.80
C ARG D 36 -25.08 -8.47 16.38
N LEU D 37 -26.08 -7.58 16.46
CA LEU D 37 -25.87 -6.24 17.00
C LEU D 37 -26.86 -5.91 18.13
N LYS D 38 -27.32 -6.94 18.83
CA LYS D 38 -28.32 -6.82 19.89
C LYS D 38 -28.02 -5.69 20.88
N ASP D 39 -28.97 -4.75 20.98
CA ASP D 39 -28.89 -3.63 21.90
C ASP D 39 -27.71 -2.68 21.71
N LYS D 40 -27.11 -2.71 20.52
CA LYS D 40 -26.15 -1.67 20.15
C LYS D 40 -26.93 -0.47 19.63
N VAL D 41 -26.43 0.72 19.92
CA VAL D 41 -26.99 1.94 19.38
C VAL D 41 -26.01 2.54 18.37
N ALA D 42 -26.45 2.68 17.13
CA ALA D 42 -25.57 3.16 16.07
C ALA D 42 -26.03 4.50 15.54
N ILE D 43 -25.08 5.42 15.39
CA ILE D 43 -25.34 6.64 14.63
C ILE D 43 -24.85 6.42 13.20
N ILE D 44 -25.69 6.66 12.20
CA ILE D 44 -25.27 6.47 10.81
C ILE D 44 -25.51 7.74 10.01
N THR D 45 -24.43 8.45 9.68
CA THR D 45 -24.57 9.72 8.95
C THR D 45 -24.86 9.44 7.49
N GLY D 46 -25.73 10.25 6.89
CA GLY D 46 -26.20 10.00 5.54
C GLY D 46 -26.88 8.63 5.47
N GLY D 47 -27.73 8.34 6.44
CA GLY D 47 -28.23 7.00 6.61
C GLY D 47 -29.62 6.78 6.04
N VAL D 48 -30.12 7.72 5.23
CA VAL D 48 -31.52 7.66 4.81
C VAL D 48 -31.68 7.33 3.33
N ALA D 49 -30.56 7.26 2.63
CA ALA D 49 -30.54 6.92 1.21
C ALA D 49 -29.23 6.21 0.86
N GLY D 50 -29.25 5.49 -0.27
CA GLY D 50 -28.07 4.84 -0.83
C GLY D 50 -27.39 3.86 0.11
N ILE D 51 -26.07 3.95 0.13
CA ILE D 51 -25.22 3.07 0.93
C ILE D 51 -25.61 3.16 2.42
N GLY D 52 -25.73 4.37 2.94
CA GLY D 52 -26.12 4.61 4.31
C GLY D 52 -27.44 3.96 4.68
N LEU D 53 -28.43 4.02 3.79
CA LEU D 53 -29.69 3.36 4.07
C LEU D 53 -29.47 1.86 4.15
N GLY D 54 -28.64 1.34 3.26
CA GLY D 54 -28.29 -0.07 3.28
C GLY D 54 -27.64 -0.53 4.59
N ILE D 55 -26.72 0.28 5.11
CA ILE D 55 -26.07 0.00 6.37
C ILE D 55 -27.12 -0.02 7.48
N ALA D 56 -27.97 1.00 7.50
CA ALA D 56 -29.09 1.06 8.45
C ALA D 56 -30.03 -0.16 8.37
N GLU D 57 -30.38 -0.59 7.17
CA GLU D 57 -31.21 -1.78 7.00
C GLU D 57 -30.58 -3.02 7.60
N CYS D 58 -29.29 -3.23 7.32
CA CYS D 58 -28.56 -4.37 7.91
C CYS D 58 -28.44 -4.25 9.44
N TYR D 59 -28.22 -3.04 9.92
CA TYR D 59 -28.11 -2.79 11.35
C TYR D 59 -29.41 -3.11 12.08
N VAL D 60 -30.53 -2.61 11.56
CA VAL D 60 -31.84 -2.90 12.16
C VAL D 60 -32.17 -4.40 12.14
N ARG D 61 -31.81 -5.07 11.05
CA ARG D 61 -32.01 -6.51 10.90
C ARG D 61 -31.36 -7.27 12.07
N GLU D 62 -30.17 -6.84 12.47
CA GLU D 62 -29.40 -7.49 13.51
C GLU D 62 -29.66 -6.94 14.93
N GLY D 63 -30.76 -6.24 15.12
CA GLY D 63 -31.20 -5.84 16.46
C GLY D 63 -30.66 -4.50 16.97
N ALA D 64 -29.95 -3.76 16.13
CA ALA D 64 -29.41 -2.48 16.53
C ALA D 64 -30.51 -1.41 16.58
N LYS D 65 -30.30 -0.41 17.42
CA LYS D 65 -31.09 0.80 17.34
C LYS D 65 -30.28 1.79 16.54
N VAL D 66 -30.93 2.47 15.58
CA VAL D 66 -30.23 3.39 14.71
C VAL D 66 -30.73 4.83 14.78
N VAL D 67 -29.79 5.76 14.75
CA VAL D 67 -30.08 7.15 14.50
C VAL D 67 -29.51 7.44 13.12
N VAL D 68 -30.38 7.65 12.15
CA VAL D 68 -29.95 7.98 10.80
C VAL D 68 -29.98 9.49 10.60
N THR D 69 -28.96 10.03 9.94
CA THR D 69 -28.96 11.46 9.71
C THR D 69 -28.86 11.82 8.23
N ALA D 70 -29.29 13.04 7.92
CA ALA D 70 -29.17 13.60 6.58
C ALA D 70 -29.22 15.11 6.71
N ASN D 71 -28.62 15.80 5.75
CA ASN D 71 -28.62 17.26 5.76
C ASN D 71 -29.90 17.85 5.13
N HIS D 72 -30.26 17.37 3.94
CA HIS D 72 -31.39 17.92 3.19
C HIS D 72 -32.58 16.98 3.12
N ASN D 73 -32.28 15.70 2.97
CA ASN D 73 -33.30 14.68 2.79
C ASN D 73 -34.11 14.36 4.05
N VAL D 74 -34.85 15.35 4.55
CA VAL D 74 -35.71 15.17 5.71
C VAL D 74 -36.85 14.18 5.46
N ASP D 75 -37.35 14.16 4.23
CA ASP D 75 -38.44 13.24 3.90
C ASP D 75 -37.95 11.80 3.77
N GLY D 76 -36.73 11.63 3.28
CA GLY D 76 -36.09 10.33 3.27
C GLY D 76 -35.93 9.81 4.68
N GLY D 77 -35.61 10.70 5.60
CA GLY D 77 -35.48 10.34 7.00
C GLY D 77 -36.75 9.87 7.67
N ARG D 78 -37.85 10.60 7.43
CA ARG D 78 -39.17 10.17 7.91
C ARG D 78 -39.55 8.81 7.34
N ALA D 79 -39.24 8.61 6.06
CA ALA D 79 -39.57 7.35 5.40
C ALA D 79 -38.82 6.18 6.03
N ALA D 80 -37.54 6.41 6.32
CA ALA D 80 -36.72 5.41 7.01
C ALA D 80 -37.27 5.02 8.39
N VAL D 81 -37.61 6.02 9.20
CA VAL D 81 -38.16 5.75 10.52
C VAL D 81 -39.52 5.03 10.44
N ALA D 82 -40.31 5.37 9.43
CA ALA D 82 -41.61 4.72 9.25
C ALA D 82 -41.42 3.23 8.92
N LYS D 83 -40.41 2.96 8.09
CA LYS D 83 -40.09 1.59 7.67
C LYS D 83 -39.46 0.75 8.80
N PHE D 84 -38.59 1.35 9.60
CA PHE D 84 -37.94 0.64 10.72
C PHE D 84 -38.78 0.61 12.00
N GLY D 85 -39.51 1.68 12.27
CA GLY D 85 -40.22 1.80 13.53
C GLY D 85 -39.61 2.80 14.52
N ASP D 86 -40.48 3.62 15.09
CA ASP D 86 -40.17 4.56 16.18
C ASP D 86 -39.36 3.97 17.33
N ASP D 87 -39.61 2.71 17.65
CA ASP D 87 -38.96 2.09 18.80
C ASP D 87 -37.47 1.77 18.56
N VAL D 88 -37.06 1.61 17.31
CA VAL D 88 -35.66 1.25 17.05
C VAL D 88 -34.88 2.23 16.15
N SER D 89 -35.54 3.28 15.69
CA SER D 89 -34.90 4.24 14.80
C SER D 89 -35.29 5.68 15.13
N LEU D 90 -34.41 6.61 14.79
CA LEU D 90 -34.65 8.03 14.98
C LEU D 90 -34.00 8.80 13.86
N PHE D 91 -34.68 9.83 13.36
CA PHE D 91 -34.05 10.69 12.36
C PHE D 91 -33.65 12.00 12.99
N VAL D 92 -32.41 12.41 12.75
CA VAL D 92 -31.96 13.73 13.15
C VAL D 92 -31.36 14.41 11.94
N GLN D 93 -31.82 15.63 11.64
CA GLN D 93 -31.22 16.40 10.55
C GLN D 93 -29.82 16.82 10.98
N GLN D 94 -28.86 16.71 10.07
CA GLN D 94 -27.47 17.00 10.40
C GLN D 94 -26.61 17.38 9.21
N ASP D 95 -25.94 18.54 9.33
CA ASP D 95 -24.84 18.91 8.44
C ASP D 95 -23.55 18.43 9.10
N VAL D 96 -22.91 17.39 8.55
CA VAL D 96 -21.74 16.79 9.20
C VAL D 96 -20.53 17.72 9.29
N SER D 97 -20.52 18.76 8.47
CA SER D 97 -19.42 19.72 8.50
C SER D 97 -19.53 20.65 9.70
N LYS D 98 -20.71 20.73 10.30
CA LYS D 98 -20.94 21.69 11.39
C LYS D 98 -20.77 21.07 12.77
N GLU D 99 -19.81 21.57 13.51
CA GLU D 99 -19.52 21.09 14.85
C GLU D 99 -20.73 21.04 15.79
N ALA D 100 -21.65 21.99 15.63
CA ALA D 100 -22.81 22.06 16.52
C ALA D 100 -23.82 20.96 16.20
N ASP D 101 -23.88 20.58 14.93
CA ASP D 101 -24.80 19.52 14.51
C ASP D 101 -24.34 18.17 15.07
N TRP D 102 -23.03 18.00 15.30
CA TRP D 102 -22.54 16.78 15.95
C TRP D 102 -23.03 16.68 17.39
N GLN D 103 -22.95 17.79 18.11
CA GLN D 103 -23.42 17.80 19.49
C GLN D 103 -24.93 17.56 19.50
N LYS D 104 -25.60 18.11 18.50
CA LYS D 104 -27.04 17.91 18.34
C LYS D 104 -27.42 16.42 18.17
N VAL D 105 -26.66 15.69 17.34
CA VAL D 105 -27.02 14.29 17.13
C VAL D 105 -26.71 13.46 18.36
N ILE D 106 -25.61 13.77 19.03
CA ILE D 106 -25.28 13.07 20.27
C ILE D 106 -26.36 13.27 21.32
N ASP D 107 -26.77 14.52 21.49
CA ASP D 107 -27.82 14.86 22.46
C ASP D 107 -29.10 14.06 22.19
N ALA D 108 -29.56 14.11 20.94
CA ALA D 108 -30.77 13.42 20.53
C ALA D 108 -30.66 11.90 20.69
N THR D 109 -29.45 11.39 20.49
CA THR D 109 -29.22 9.95 20.54
C THR D 109 -29.28 9.44 21.97
N ILE D 110 -28.61 10.15 22.87
CA ILE D 110 -28.60 9.76 24.27
C ILE D 110 -29.99 9.93 24.90
N ALA D 111 -30.69 11.00 24.53
CA ALA D 111 -32.06 11.25 24.98
C ALA D 111 -33.02 10.16 24.47
N LYS D 112 -32.75 9.66 23.27
CA LYS D 112 -33.61 8.62 22.68
C LYS D 112 -33.25 7.21 23.16
N PHE D 113 -31.96 6.88 23.15
CA PHE D 113 -31.55 5.48 23.31
C PHE D 113 -30.59 5.25 24.50
N GLY D 114 -30.15 6.33 25.15
CA GLY D 114 -29.37 6.22 26.37
C GLY D 114 -27.87 6.12 26.22
N ARG D 115 -27.41 5.79 25.03
CA ARG D 115 -25.99 5.50 24.83
C ARG D 115 -25.61 5.58 23.36
N VAL D 116 -24.30 5.56 23.10
CA VAL D 116 -23.76 5.52 21.75
C VAL D 116 -22.72 4.40 21.65
N ASP D 117 -22.96 3.41 20.80
CA ASP D 117 -22.05 2.27 20.69
C ASP D 117 -21.22 2.28 19.40
N ILE D 118 -21.85 2.75 18.32
CA ILE D 118 -21.26 2.72 17.00
C ILE D 118 -21.47 4.03 16.27
N LEU D 119 -20.41 4.56 15.66
CA LEU D 119 -20.56 5.65 14.72
C LEU D 119 -20.12 5.15 13.35
N VAL D 120 -20.99 5.33 12.37
CA VAL D 120 -20.64 5.11 10.98
C VAL D 120 -20.59 6.45 10.23
N ASN D 121 -19.38 6.93 9.99
CA ASN D 121 -19.17 8.12 9.19
C ASN D 121 -19.37 7.79 7.72
N ASN D 122 -20.61 7.89 7.26
CA ASN D 122 -20.94 7.55 5.88
C ASN D 122 -21.28 8.74 4.98
N ALA D 123 -21.74 9.84 5.56
CA ALA D 123 -22.04 11.06 4.81
C ALA D 123 -20.83 11.51 4.02
N GLY D 124 -21.06 11.92 2.78
CA GLY D 124 -20.00 12.44 1.95
C GLY D 124 -20.57 13.11 0.72
N ILE D 125 -19.74 13.84 -0.01
CA ILE D 125 -20.18 14.47 -1.25
C ILE D 125 -19.11 14.30 -2.32
N GLY D 126 -19.56 14.21 -3.56
CA GLY D 126 -18.68 14.03 -4.70
C GLY D 126 -17.58 15.07 -4.82
N GLY D 127 -17.92 16.27 -5.28
CA GLY D 127 -16.90 17.26 -5.63
C GLY D 127 -17.01 17.71 -7.09
N VAL D 128 -16.38 18.84 -7.40
CA VAL D 128 -16.46 19.45 -8.73
C VAL D 128 -15.55 18.74 -9.76
N ASN D 129 -16.15 18.17 -10.79
CA ASN D 129 -15.39 17.50 -11.84
C ASN D 129 -14.78 18.52 -12.81
N THR D 130 -13.47 18.75 -12.68
CA THR D 130 -12.79 19.72 -13.51
C THR D 130 -11.26 19.59 -13.51
N ALA D 131 -10.62 20.46 -14.30
CA ALA D 131 -9.17 20.55 -14.34
C ALA D 131 -8.70 21.05 -12.99
N ILE D 132 -7.66 20.42 -12.45
CA ILE D 132 -7.21 20.67 -11.08
C ILE D 132 -6.88 22.15 -10.82
N GLU D 133 -6.16 22.77 -11.76
CA GLU D 133 -5.73 24.15 -11.61
C GLU D 133 -6.87 25.16 -11.82
N ASP D 134 -8.05 24.66 -12.18
CA ASP D 134 -9.22 25.52 -12.36
C ASP D 134 -10.18 25.32 -11.19
N LEU D 135 -9.80 24.49 -10.24
CA LEU D 135 -10.65 24.24 -9.09
C LEU D 135 -10.59 25.42 -8.13
N ASP D 136 -11.76 25.97 -7.81
CA ASP D 136 -11.86 27.03 -6.82
C ASP D 136 -11.59 26.52 -5.41
N LEU D 137 -10.94 27.36 -4.62
CA LEU D 137 -10.58 27.00 -3.25
C LEU D 137 -11.81 26.65 -2.46
N ALA D 138 -12.89 27.38 -2.70
CA ALA D 138 -14.13 27.13 -1.97
C ALA D 138 -14.71 25.75 -2.30
N ASP D 139 -14.56 25.32 -3.55
CA ASP D 139 -15.03 23.98 -3.92
C ASP D 139 -14.14 22.88 -3.30
N TRP D 140 -12.84 23.11 -3.28
CA TRP D 140 -11.89 22.23 -2.62
C TRP D 140 -12.24 22.08 -1.14
N GLN D 141 -12.51 23.23 -0.52
CA GLN D 141 -12.68 23.35 0.92
C GLN D 141 -13.96 22.69 1.39
N LYS D 142 -15.00 22.81 0.57
CA LYS D 142 -16.28 22.18 0.89
C LYS D 142 -16.09 20.67 0.98
N VAL D 143 -15.31 20.14 0.05
CA VAL D 143 -15.08 18.69 -0.02
C VAL D 143 -14.27 18.21 1.17
N ILE D 144 -13.18 18.92 1.48
CA ILE D 144 -12.41 18.66 2.69
C ILE D 144 -13.29 18.74 3.93
N ASP D 145 -14.09 19.81 4.04
CA ASP D 145 -14.99 20.00 5.17
C ASP D 145 -15.93 18.80 5.40
N VAL D 146 -16.49 18.26 4.32
CA VAL D 146 -17.58 17.30 4.46
C VAL D 146 -17.07 15.86 4.50
N ASN D 147 -16.04 15.57 3.72
CA ASN D 147 -15.50 14.21 3.63
C ASN D 147 -14.37 13.88 4.62
N LEU D 148 -13.73 14.89 5.18
CA LEU D 148 -12.57 14.64 6.03
C LEU D 148 -12.71 15.24 7.43
N THR D 149 -12.81 16.56 7.49
CA THR D 149 -12.97 17.26 8.76
C THR D 149 -14.21 16.79 9.52
N ALA D 150 -15.29 16.58 8.79
CA ALA D 150 -16.53 16.02 9.35
C ALA D 150 -16.29 14.66 10.01
N ASN D 151 -15.47 13.82 9.40
CA ASN D 151 -15.08 12.55 10.01
C ASN D 151 -14.36 12.74 11.33
N PHE D 152 -13.40 13.67 11.37
CA PHE D 152 -12.72 13.96 12.63
C PHE D 152 -13.70 14.45 13.69
N LEU D 153 -14.54 15.42 13.34
CA LEU D 153 -15.55 15.95 14.26
C LEU D 153 -16.42 14.84 14.83
N GLY D 154 -16.79 13.91 13.97
CA GLY D 154 -17.62 12.80 14.39
C GLY D 154 -16.91 11.83 15.32
N GLU D 155 -15.67 11.47 14.99
CA GLU D 155 -14.88 10.58 15.86
C GLU D 155 -14.82 11.15 17.27
N LYS D 156 -14.47 12.43 17.33
CA LYS D 156 -14.32 13.15 18.58
C LYS D 156 -15.62 13.11 19.37
N ALA D 157 -16.71 13.51 18.73
CA ALA D 157 -18.03 13.49 19.36
C ALA D 157 -18.46 12.07 19.79
N ALA D 158 -18.20 11.08 18.95
CA ALA D 158 -18.55 9.70 19.29
C ALA D 158 -17.72 9.17 20.46
N ILE D 159 -16.43 9.49 20.47
CA ILE D 159 -15.53 9.03 21.53
C ILE D 159 -16.00 9.56 22.90
N LYS D 160 -16.22 10.87 23.02
CA LYS D 160 -16.77 11.44 24.24
C LYS D 160 -18.09 10.79 24.70
N ALA D 161 -19.01 10.55 23.77
CA ALA D 161 -20.26 9.88 24.11
C ALA D 161 -20.06 8.41 24.57
N MET D 162 -19.03 7.77 24.01
CA MET D 162 -18.77 6.37 24.29
C MET D 162 -18.11 6.23 25.68
N LYS D 163 -17.23 7.18 26.01
CA LYS D 163 -16.61 7.19 27.32
C LYS D 163 -17.67 7.45 28.38
N GLN D 164 -18.60 8.34 28.07
CA GLN D 164 -19.61 8.76 29.02
C GLN D 164 -20.75 7.76 29.18
N THR D 165 -21.21 7.14 28.09
CA THR D 165 -22.39 6.26 28.18
C THR D 165 -22.13 4.78 27.93
N ALA D 166 -20.94 4.42 27.45
CA ALA D 166 -20.69 3.05 27.02
C ALA D 166 -19.38 2.48 27.56
N ASP D 167 -18.97 2.95 28.74
CA ASP D 167 -17.79 2.43 29.43
C ASP D 167 -16.52 2.51 28.59
N ALA D 168 -16.47 3.50 27.70
CA ALA D 168 -15.32 3.72 26.82
C ALA D 168 -15.05 2.54 25.88
N LYS D 169 -16.14 1.85 25.52
CA LYS D 169 -16.09 0.82 24.49
C LYS D 169 -16.95 1.25 23.30
N GLY D 170 -16.46 1.00 22.08
CA GLY D 170 -17.25 1.29 20.90
C GLY D 170 -16.52 1.01 19.61
N SER D 171 -17.24 1.19 18.51
CA SER D 171 -16.68 0.92 17.20
C SER D 171 -17.01 2.08 16.28
N ILE D 172 -15.98 2.64 15.65
CA ILE D 172 -16.17 3.72 14.69
C ILE D 172 -15.75 3.26 13.30
N ILE D 173 -16.64 3.45 12.34
CA ILE D 173 -16.40 3.05 10.97
C ILE D 173 -16.40 4.26 10.04
N ASN D 174 -15.26 4.54 9.41
CA ASN D 174 -15.20 5.61 8.44
C ASN D 174 -15.38 5.06 7.03
N VAL D 175 -16.53 5.34 6.45
CA VAL D 175 -16.81 4.93 5.09
C VAL D 175 -16.13 5.88 4.14
N SER D 176 -15.03 5.39 3.57
CA SER D 176 -14.18 6.18 2.73
C SER D 176 -14.58 5.86 1.31
N SER D 177 -13.64 5.38 0.51
CA SER D 177 -13.91 5.07 -0.89
C SER D 177 -12.66 4.47 -1.53
N VAL D 178 -12.87 3.71 -2.60
CA VAL D 178 -11.78 3.22 -3.42
C VAL D 178 -10.88 4.38 -3.89
N ALA D 179 -11.49 5.54 -4.12
CA ALA D 179 -10.76 6.79 -4.37
C ALA D 179 -9.81 7.29 -3.24
N GLY D 180 -9.93 6.75 -2.03
CA GLY D 180 -8.94 7.02 -1.00
C GLY D 180 -7.76 6.03 -1.04
N LEU D 181 -7.83 5.08 -1.97
CA LEU D 181 -6.77 4.08 -2.15
C LEU D 181 -6.00 4.38 -3.44
N VAL D 182 -6.74 4.68 -4.50
CA VAL D 182 -6.15 5.07 -5.78
C VAL D 182 -6.74 6.38 -6.30
N GLY D 183 -5.92 7.13 -7.04
CA GLY D 183 -6.34 8.41 -7.61
C GLY D 183 -7.57 8.37 -8.51
N LEU D 184 -8.46 9.32 -8.26
CA LEU D 184 -9.62 9.55 -9.10
C LEU D 184 -9.39 10.83 -9.90
N PRO D 185 -9.03 10.67 -11.18
CA PRO D 185 -8.59 11.76 -12.09
C PRO D 185 -9.60 12.91 -12.19
N ILE D 186 -10.89 12.59 -12.20
CA ILE D 186 -11.94 13.58 -12.39
C ILE D 186 -12.24 14.41 -11.14
N ASP D 187 -11.65 14.04 -10.01
CA ASP D 187 -11.99 14.69 -8.76
C ASP D 187 -10.95 14.49 -7.66
N PRO D 188 -9.84 15.24 -7.75
CA PRO D 188 -8.72 15.19 -6.81
C PRO D 188 -9.05 15.64 -5.38
N ALA D 189 -10.00 16.56 -5.20
CA ALA D 189 -10.39 16.97 -3.86
C ALA D 189 -11.02 15.79 -3.17
N TYR D 190 -11.81 15.05 -3.94
CA TYR D 190 -12.47 13.85 -3.42
C TYR D 190 -11.44 12.82 -2.98
N SER D 191 -10.50 12.53 -3.87
CA SER D 191 -9.43 11.60 -3.63
C SER D 191 -8.63 12.01 -2.42
N ALA D 192 -8.21 13.27 -2.40
CA ALA D 192 -7.48 13.81 -1.27
C ALA D 192 -8.26 13.62 0.04
N SER D 193 -9.55 13.94 0.03
CA SER D 193 -10.33 13.84 1.25
C SER D 193 -10.48 12.39 1.70
N LYS D 194 -10.53 11.46 0.76
CA LYS D 194 -10.70 10.06 1.11
C LYS D 194 -9.39 9.38 1.53
N GLY D 195 -8.28 9.82 0.98
CA GLY D 195 -6.97 9.35 1.39
C GLY D 195 -6.69 9.86 2.79
N GLY D 196 -7.21 11.04 3.08
CA GLY D 196 -7.04 11.65 4.39
C GLY D 196 -7.84 10.92 5.45
N SER D 197 -9.07 10.53 5.12
CA SER D 197 -9.92 9.90 6.12
C SER D 197 -9.49 8.46 6.35
N ARG D 198 -8.81 7.89 5.36
CA ARG D 198 -8.21 6.58 5.55
C ARG D 198 -7.07 6.66 6.58
N LEU D 199 -6.18 7.62 6.41
CA LEU D 199 -5.10 7.74 7.38
C LEU D 199 -5.58 8.26 8.75
N LEU D 200 -6.59 9.13 8.75
CA LEU D 200 -7.26 9.55 9.98
C LEU D 200 -7.68 8.33 10.80
N THR D 201 -8.20 7.34 10.10
CA THR D 201 -8.63 6.10 10.70
C THR D 201 -7.48 5.40 11.42
N HIS D 202 -6.34 5.27 10.76
CA HIS D 202 -5.14 4.70 11.38
C HIS D 202 -4.76 5.48 12.64
N ALA D 203 -4.52 6.78 12.48
CA ALA D 203 -4.08 7.60 13.62
C ALA D 203 -5.05 7.50 14.81
N THR D 204 -6.34 7.62 14.53
CA THR D 204 -7.35 7.63 15.60
C THR D 204 -7.34 6.31 16.36
N ALA D 205 -7.32 5.21 15.63
CA ALA D 205 -7.28 3.88 16.26
C ALA D 205 -6.08 3.76 17.19
N LEU D 206 -4.93 4.17 16.69
CA LEU D 206 -3.68 4.10 17.43
C LEU D 206 -3.67 5.06 18.62
N ASN D 207 -4.13 6.28 18.41
CA ASN D 207 -4.24 7.30 19.45
C ASN D 207 -5.10 6.79 20.62
N LEU D 208 -6.18 6.10 20.29
CA LEU D 208 -7.02 5.51 21.33
C LEU D 208 -6.37 4.29 21.96
N ALA D 209 -5.76 3.44 21.14
CA ALA D 209 -5.29 2.16 21.62
C ALA D 209 -4.11 2.37 22.60
N GLN D 210 -3.29 3.37 22.28
CA GLN D 210 -2.09 3.67 23.05
C GLN D 210 -2.44 3.99 24.49
N ARG D 211 -3.64 4.51 24.70
CA ARG D 211 -4.10 4.95 26.01
C ARG D 211 -5.05 3.95 26.66
N GLY D 212 -5.10 2.72 26.13
CA GLY D 212 -5.93 1.68 26.70
C GLY D 212 -7.43 1.81 26.46
N ILE D 213 -7.80 2.65 25.51
CA ILE D 213 -9.22 2.85 25.26
C ILE D 213 -9.71 1.89 24.20
N ASP D 214 -10.70 1.08 24.56
CA ASP D 214 -11.24 0.06 23.67
C ASP D 214 -12.29 0.61 22.69
N ILE D 215 -11.92 1.68 21.99
CA ILE D 215 -12.73 2.19 20.89
C ILE D 215 -11.96 1.83 19.62
N ARG D 216 -12.56 1.00 18.77
CA ARG D 216 -11.90 0.61 17.53
C ARG D 216 -12.27 1.61 16.43
N VAL D 217 -11.33 1.91 15.55
CA VAL D 217 -11.61 2.74 14.37
C VAL D 217 -11.15 2.01 13.10
N ASN D 218 -12.07 1.86 12.15
CA ASN D 218 -11.77 1.12 10.92
C ASN D 218 -12.37 1.82 9.70
N SER D 219 -11.79 1.55 8.52
CA SER D 219 -12.29 2.18 7.32
C SER D 219 -12.85 1.16 6.32
N VAL D 220 -13.89 1.58 5.61
CA VAL D 220 -14.56 0.74 4.63
C VAL D 220 -14.48 1.51 3.32
N HIS D 221 -14.10 0.81 2.26
CA HIS D 221 -13.86 1.43 0.97
C HIS D 221 -14.73 0.80 -0.09
N PRO D 222 -15.96 1.33 -0.24
CA PRO D 222 -16.87 0.86 -1.30
C PRO D 222 -16.30 1.18 -2.67
N GLY D 223 -16.55 0.31 -3.64
CA GLY D 223 -16.30 0.64 -5.02
C GLY D 223 -17.60 1.24 -5.54
N TRP D 224 -17.92 0.93 -6.80
CA TRP D 224 -19.16 1.41 -7.38
C TRP D 224 -20.36 0.64 -6.85
N ILE D 225 -21.26 1.36 -6.19
CA ILE D 225 -22.50 0.77 -5.70
C ILE D 225 -23.66 1.43 -6.43
N ASP D 226 -24.59 0.64 -6.96
CA ASP D 226 -25.65 1.21 -7.79
C ASP D 226 -26.72 1.90 -6.93
N THR D 227 -26.69 3.24 -6.88
CA THR D 227 -27.62 3.97 -5.99
C THR D 227 -28.42 5.07 -6.70
N SER D 228 -28.14 5.30 -7.98
CA SER D 228 -28.84 6.36 -8.68
C SER D 228 -29.00 6.05 -10.18
N ILE D 229 -29.94 6.73 -10.82
CA ILE D 229 -30.16 6.59 -12.26
C ILE D 229 -29.13 7.40 -13.00
N ILE D 230 -28.48 6.78 -13.98
CA ILE D 230 -27.45 7.46 -14.77
C ILE D 230 -27.59 7.12 -16.27
N PRO D 231 -26.98 7.93 -17.15
CA PRO D 231 -26.99 7.59 -18.58
C PRO D 231 -26.30 6.26 -18.85
N GLU D 232 -26.77 5.55 -19.87
CA GLU D 232 -26.28 4.23 -20.20
C GLU D 232 -24.83 4.29 -20.68
N ASP D 233 -24.43 5.43 -21.25
CA ASP D 233 -23.05 5.68 -21.68
C ASP D 233 -22.09 5.68 -20.48
N LEU D 234 -22.44 6.48 -19.48
CA LEU D 234 -21.70 6.55 -18.24
C LEU D 234 -21.66 5.20 -17.52
N ARG D 235 -22.82 4.52 -17.44
CA ARG D 235 -22.89 3.22 -16.76
C ARG D 235 -21.91 2.21 -17.35
N LYS D 236 -21.86 2.16 -18.69
CA LYS D 236 -20.90 1.31 -19.41
C LYS D 236 -19.46 1.63 -19.07
N GLN D 237 -19.14 2.92 -18.96
CA GLN D 237 -17.77 3.33 -18.62
C GLN D 237 -17.40 2.90 -17.21
N ILE D 238 -18.34 3.04 -16.28
CA ILE D 238 -18.17 2.67 -14.89
C ILE D 238 -17.98 1.15 -14.77
N ILE D 239 -18.86 0.40 -15.42
CA ILE D 239 -18.78 -1.05 -15.37
C ILE D 239 -17.48 -1.63 -15.98
N ALA D 240 -17.00 -1.03 -17.07
CA ALA D 240 -15.71 -1.41 -17.65
C ALA D 240 -14.59 -1.48 -16.60
N THR D 241 -14.65 -0.63 -15.57
CA THR D 241 -13.59 -0.59 -14.56
C THR D 241 -13.79 -1.60 -13.44
N ILE D 242 -14.89 -2.33 -13.48
CA ILE D 242 -15.17 -3.35 -12.46
C ILE D 242 -15.01 -4.77 -13.01
N PRO D 243 -13.96 -5.46 -12.59
CA PRO D 243 -13.64 -6.81 -13.09
C PRO D 243 -14.84 -7.77 -13.05
N VAL D 244 -15.68 -7.72 -12.02
CA VAL D 244 -16.84 -8.62 -11.95
C VAL D 244 -18.01 -8.19 -12.83
N GLY D 245 -17.91 -7.00 -13.43
CA GLY D 245 -18.83 -6.58 -14.46
C GLY D 245 -20.21 -6.16 -13.99
N HIS D 246 -20.27 -5.61 -12.78
CA HIS D 246 -21.52 -5.07 -12.24
C HIS D 246 -21.24 -4.32 -10.96
N MET D 247 -22.03 -3.28 -10.70
CA MET D 247 -21.89 -2.49 -9.49
C MET D 247 -22.39 -3.29 -8.32
N GLY D 248 -21.96 -2.92 -7.12
CA GLY D 248 -22.48 -3.53 -5.91
C GLY D 248 -23.81 -2.95 -5.48
N GLN D 249 -24.34 -3.47 -4.37
CA GLN D 249 -25.58 -2.99 -3.80
C GLN D 249 -25.31 -2.46 -2.40
N PRO D 250 -26.13 -1.50 -1.93
CA PRO D 250 -25.95 -0.91 -0.59
C PRO D 250 -25.75 -1.92 0.54
N GLN D 251 -26.50 -3.01 0.52
CA GLN D 251 -26.32 -4.01 1.58
C GLN D 251 -24.96 -4.73 1.56
N ASP D 252 -24.27 -4.74 0.43
CA ASP D 252 -22.87 -5.20 0.39
C ASP D 252 -22.01 -4.41 1.38
N ILE D 253 -22.20 -3.10 1.43
CA ILE D 253 -21.49 -2.29 2.42
C ILE D 253 -22.05 -2.53 3.82
N GLY D 254 -23.38 -2.64 3.92
CA GLY D 254 -24.02 -2.92 5.17
C GLY D 254 -23.43 -4.13 5.86
N GLU D 255 -23.17 -5.19 5.10
CA GLU D 255 -22.74 -6.45 5.71
C GLU D 255 -21.37 -6.33 6.36
N VAL D 256 -20.43 -5.65 5.72
CA VAL D 256 -19.13 -5.50 6.32
C VAL D 256 -19.24 -4.59 7.55
N CYS D 257 -20.21 -3.68 7.54
CA CYS D 257 -20.41 -2.78 8.66
C CYS D 257 -20.99 -3.47 9.89
N VAL D 258 -21.80 -4.50 9.67
CA VAL D 258 -22.26 -5.33 10.77
C VAL D 258 -21.07 -6.00 11.46
N TYR D 259 -20.21 -6.64 10.67
CA TYR D 259 -19.01 -7.27 11.20
C TYR D 259 -18.16 -6.30 12.02
N LEU D 260 -17.89 -5.12 11.44
CA LEU D 260 -17.08 -4.10 12.12
C LEU D 260 -17.73 -3.48 13.37
N GLY D 261 -19.05 -3.40 13.41
CA GLY D 261 -19.74 -2.78 14.53
C GLY D 261 -19.96 -3.73 15.69
N SER D 262 -19.93 -5.03 15.40
CA SER D 262 -20.19 -6.06 16.40
C SER D 262 -18.91 -6.51 17.07
N ASP D 263 -19.04 -7.30 18.14
CA ASP D 263 -17.88 -7.76 18.90
C ASP D 263 -17.10 -8.87 18.18
N GLU D 264 -17.65 -9.35 17.07
CA GLU D 264 -16.96 -10.30 16.18
C GLU D 264 -15.58 -9.81 15.72
N SER D 265 -15.45 -8.49 15.62
CA SER D 265 -14.25 -7.89 15.03
C SER D 265 -13.40 -7.19 16.09
N ARG D 266 -13.47 -7.68 17.33
CA ARG D 266 -12.82 -7.04 18.46
C ARG D 266 -11.31 -6.87 18.25
N PHE D 267 -10.71 -7.67 17.37
CA PHE D 267 -9.26 -7.60 17.10
C PHE D 267 -8.94 -6.92 15.76
N ALA D 268 -9.97 -6.37 15.11
CA ALA D 268 -9.79 -5.57 13.89
C ALA D 268 -9.74 -4.10 14.29
N ASN D 269 -8.63 -3.44 13.99
CA ASN D 269 -8.45 -2.06 14.42
C ASN D 269 -7.46 -1.34 13.51
N GLY D 270 -7.82 -0.13 13.08
CA GLY D 270 -6.96 0.66 12.21
C GLY D 270 -6.74 0.03 10.85
N ALA D 271 -7.72 -0.74 10.41
CA ALA D 271 -7.60 -1.54 9.20
C ALA D 271 -8.61 -1.10 8.12
N GLU D 272 -8.34 -1.52 6.88
CA GLU D 272 -9.13 -1.10 5.73
C GLU D 272 -9.87 -2.27 5.08
N PHE D 273 -11.17 -2.11 4.90
CA PHE D 273 -12.02 -3.16 4.39
C PHE D 273 -12.63 -2.73 3.05
N THR D 274 -12.14 -3.34 1.98
CA THR D 274 -12.51 -2.94 0.63
C THR D 274 -13.50 -3.88 -0.01
N VAL D 275 -14.64 -3.33 -0.42
CA VAL D 275 -15.71 -4.08 -1.06
C VAL D 275 -16.01 -3.41 -2.39
N ASP D 276 -15.37 -3.88 -3.46
CA ASP D 276 -15.37 -3.15 -4.72
C ASP D 276 -15.38 -4.04 -5.95
N GLY D 277 -15.76 -5.31 -5.79
CA GLY D 277 -15.79 -6.24 -6.91
C GLY D 277 -14.50 -6.31 -7.72
N GLY D 278 -13.35 -6.09 -7.07
CA GLY D 278 -12.07 -6.22 -7.74
C GLY D 278 -11.52 -4.94 -8.32
N GLN D 279 -12.24 -3.83 -8.16
CA GLN D 279 -11.85 -2.57 -8.79
C GLN D 279 -10.39 -2.15 -8.58
N ARG D 280 -9.88 -2.19 -7.34
CA ARG D 280 -8.48 -1.83 -7.16
C ARG D 280 -7.53 -3.02 -7.00
N ALA D 281 -8.01 -4.24 -7.23
CA ALA D 281 -7.11 -5.40 -7.19
C ALA D 281 -6.02 -5.26 -8.27
#